data_8YM1
#
_entry.id   8YM1
#
_cell.length_a   48.417
_cell.length_b   95.897
_cell.length_c   103.998
_cell.angle_alpha   90.00
_cell.angle_beta   96.25
_cell.angle_gamma   90.00
#
_symmetry.space_group_name_H-M   'P 1 21 1'
#
loop_
_entity.id
_entity.type
_entity.pdbx_description
1 polymer 'nucleocapsid phosphoprotein'
2 water water
#
_entity_poly.entity_id   1
_entity_poly.type   'polypeptide(L)'
_entity_poly.pdbx_seq_one_letter_code
;GPSRATPARKQMDKPEWKRVPNSEEDVRKCFGPRSVSRNFGDSDLVQHGVEAKHFPTIAELLPTQAALAFGSEITTKESG
EFVEVTYHYVMKVPKTDKNLPRFLEQVSAYSK
;
_entity_poly.pdbx_strand_id   A,B,C,D,E,F,G,H
#
# COMPACT_ATOMS: atom_id res chain seq x y z
N LYS A 10 -10.28 50.58 -17.77
CA LYS A 10 -11.64 49.99 -17.59
C LYS A 10 -11.56 48.61 -16.94
N GLN A 11 -12.71 48.16 -16.42
CA GLN A 11 -12.84 46.86 -15.80
C GLN A 11 -12.91 45.78 -16.88
N MET A 12 -13.59 46.08 -18.01
CA MET A 12 -13.78 45.11 -19.10
C MET A 12 -12.48 44.89 -19.87
N ASP A 13 -11.41 45.65 -19.53
CA ASP A 13 -10.09 45.46 -20.12
C ASP A 13 -9.26 44.48 -19.29
N LYS A 14 -9.77 44.12 -18.09
CA LYS A 14 -9.10 43.19 -17.19
C LYS A 14 -9.67 41.79 -17.37
N PRO A 15 -8.96 40.72 -16.89
CA PRO A 15 -9.54 39.38 -16.83
C PRO A 15 -10.71 39.44 -15.85
N GLU A 16 -11.71 38.58 -16.09
CA GLU A 16 -12.97 38.63 -15.35
C GLU A 16 -12.73 38.58 -13.82
N TRP A 17 -11.73 37.79 -13.39
CA TRP A 17 -11.47 37.57 -11.98
C TRP A 17 -10.81 38.79 -11.30
N LYS A 18 -10.37 39.79 -12.10
CA LYS A 18 -9.73 40.98 -11.56
C LYS A 18 -10.66 42.20 -11.63
N ARG A 19 -11.90 41.99 -12.11
CA ARG A 19 -12.84 43.10 -12.29
C ARG A 19 -13.41 43.53 -10.94
N VAL A 20 -13.55 44.84 -10.78
CA VAL A 20 -14.16 45.45 -9.61
C VAL A 20 -15.33 46.31 -10.10
N PRO A 21 -16.58 45.75 -10.13
CA PRO A 21 -17.71 46.47 -10.70
C PRO A 21 -18.05 47.77 -9.96
N ASN A 22 -18.56 48.74 -10.73
CA ASN A 22 -18.92 50.05 -10.21
C ASN A 22 -20.19 50.53 -10.93
N SER A 23 -20.52 51.81 -10.76
CA SER A 23 -21.72 52.39 -11.37
C SER A 23 -21.58 52.48 -12.90
N GLU A 24 -20.34 52.67 -13.39
CA GLU A 24 -20.07 52.78 -14.82
C GLU A 24 -20.13 51.38 -15.45
N GLU A 25 -19.30 50.47 -14.94
CA GLU A 25 -19.27 49.07 -15.40
C GLU A 25 -19.82 48.21 -14.27
N ASP A 26 -21.13 47.93 -14.32
CA ASP A 26 -21.84 47.28 -13.21
C ASP A 26 -21.56 45.77 -13.22
N VAL A 27 -22.18 45.07 -12.24
CA VAL A 27 -21.98 43.63 -12.04
C VAL A 27 -22.45 42.87 -13.28
N ARG A 28 -23.57 43.31 -13.87
CA ARG A 28 -24.14 42.65 -15.03
C ARG A 28 -23.15 42.69 -16.20
N LYS A 29 -22.45 43.82 -16.36
CA LYS A 29 -21.52 43.99 -17.45
C LYS A 29 -20.23 43.19 -17.18
N CYS A 30 -19.81 43.15 -15.91
CA CYS A 30 -18.56 42.50 -15.52
C CYS A 30 -18.71 40.98 -15.40
N PHE A 31 -19.85 40.51 -14.83
CA PHE A 31 -20.01 39.08 -14.51
C PHE A 31 -21.32 38.50 -15.08
N GLY A 32 -22.04 39.27 -15.91
CA GLY A 32 -23.25 38.76 -16.54
C GLY A 32 -24.45 38.79 -15.59
N PRO A 33 -25.65 38.32 -16.05
CA PRO A 33 -26.86 38.34 -15.22
C PRO A 33 -26.75 37.45 -13.99
N ARG A 34 -27.59 37.74 -12.98
CA ARG A 34 -27.69 36.90 -11.81
C ARG A 34 -28.32 35.57 -12.21
N SER A 35 -27.79 34.48 -11.66
CA SER A 35 -28.26 33.13 -11.98
C SER A 35 -28.00 32.21 -10.79
N VAL A 36 -28.33 30.92 -10.95
CA VAL A 36 -28.13 29.94 -9.90
C VAL A 36 -26.62 29.76 -9.63
N SER A 37 -25.80 30.00 -10.67
CA SER A 37 -24.33 29.84 -10.57
C SER A 37 -23.67 31.13 -10.06
N ARG A 38 -24.30 32.29 -10.37
CA ARG A 38 -23.83 33.60 -9.89
C ARG A 38 -25.04 34.31 -9.27
N ASN A 39 -25.30 34.01 -7.99
CA ASN A 39 -26.59 34.32 -7.35
C ASN A 39 -26.51 35.46 -6.33
N PHE A 40 -25.32 36.05 -6.14
CA PHE A 40 -25.13 37.03 -5.06
C PHE A 40 -25.32 38.45 -5.59
N GLY A 41 -26.13 39.25 -4.85
CA GLY A 41 -26.29 40.67 -5.12
C GLY A 41 -27.74 41.06 -5.39
N ASP A 42 -28.23 42.07 -4.65
CA ASP A 42 -29.56 42.65 -4.89
C ASP A 42 -29.43 43.63 -6.05
N SER A 43 -30.53 44.33 -6.39
CA SER A 43 -30.55 45.24 -7.52
C SER A 43 -29.56 46.39 -7.32
N ASP A 44 -29.38 46.83 -6.06
CA ASP A 44 -28.50 47.94 -5.74
C ASP A 44 -27.03 47.55 -5.99
N LEU A 45 -26.62 46.37 -5.46
CA LEU A 45 -25.26 45.88 -5.66
C LEU A 45 -24.99 45.62 -7.14
N VAL A 46 -26.00 45.09 -7.85
CA VAL A 46 -25.86 44.75 -9.26
C VAL A 46 -25.58 46.04 -10.07
N GLN A 47 -26.33 47.11 -9.76
CA GLN A 47 -26.28 48.34 -10.55
C GLN A 47 -25.08 49.22 -10.17
N HIS A 48 -24.58 49.11 -8.93
CA HIS A 48 -23.53 50.02 -8.44
C HIS A 48 -22.25 49.28 -8.04
N GLY A 49 -22.29 47.94 -8.02
CA GLY A 49 -21.12 47.14 -7.67
C GLY A 49 -20.58 47.50 -6.27
N VAL A 50 -19.27 47.83 -6.20
CA VAL A 50 -18.62 48.13 -4.93
C VAL A 50 -19.02 49.53 -4.44
N GLU A 51 -19.65 50.33 -5.33
CA GLU A 51 -20.09 51.68 -4.98
C GLU A 51 -21.45 51.64 -4.28
N ALA A 52 -22.12 50.46 -4.27
CA ALA A 52 -23.40 50.31 -3.59
C ALA A 52 -23.25 50.77 -2.13
N LYS A 53 -24.28 51.46 -1.62
CA LYS A 53 -24.23 52.08 -0.29
C LYS A 53 -23.86 51.05 0.79
N HIS A 54 -24.44 49.84 0.70
CA HIS A 54 -24.29 48.84 1.75
C HIS A 54 -23.22 47.79 1.40
N PHE A 55 -22.44 48.03 0.33
CA PHE A 55 -21.42 47.06 -0.09
C PHE A 55 -20.36 46.91 1.01
N PRO A 56 -19.90 48.02 1.68
CA PRO A 56 -18.90 47.90 2.76
C PRO A 56 -19.34 46.96 3.89
N THR A 57 -20.64 46.99 4.22
CA THR A 57 -21.20 46.11 5.26
C THR A 57 -21.08 44.66 4.80
N ILE A 58 -21.51 44.40 3.55
CA ILE A 58 -21.44 43.07 2.95
C ILE A 58 -19.97 42.62 2.86
N ALA A 59 -19.07 43.57 2.58
CA ALA A 59 -17.65 43.28 2.38
C ALA A 59 -16.98 42.77 3.66
N GLU A 60 -17.62 43.04 4.83
CA GLU A 60 -17.09 42.58 6.11
C GLU A 60 -17.08 41.05 6.17
N LEU A 61 -17.93 40.39 5.36
CA LEU A 61 -18.03 38.92 5.38
C LEU A 61 -17.45 38.31 4.09
N LEU A 62 -16.68 39.10 3.32
CA LEU A 62 -15.97 38.58 2.15
C LEU A 62 -14.53 38.30 2.57
N PRO A 63 -13.95 37.14 2.19
CA PRO A 63 -12.58 36.83 2.55
C PRO A 63 -11.57 37.68 1.80
N THR A 64 -10.41 37.88 2.42
CA THR A 64 -9.31 38.57 1.76
C THR A 64 -8.79 37.63 0.67
N GLN A 65 -7.99 38.18 -0.24
CA GLN A 65 -7.45 37.41 -1.35
C GLN A 65 -6.55 36.29 -0.80
N ALA A 66 -5.82 36.59 0.28
CA ALA A 66 -4.90 35.63 0.91
C ALA A 66 -5.71 34.55 1.64
N ALA A 67 -6.80 34.95 2.31
CA ALA A 67 -7.66 34.02 3.04
C ALA A 67 -8.31 33.03 2.06
N LEU A 68 -8.72 33.54 0.90
CA LEU A 68 -9.29 32.71 -0.14
C LEU A 68 -8.25 31.70 -0.62
N ALA A 69 -7.02 32.18 -0.81
CA ALA A 69 -5.93 31.36 -1.34
C ALA A 69 -5.59 30.20 -0.38
N PHE A 70 -5.39 30.53 0.91
CA PHE A 70 -4.86 29.57 1.88
C PHE A 70 -5.97 28.87 2.67
N GLY A 71 -7.23 29.24 2.42
CA GLY A 71 -8.35 28.66 3.17
C GLY A 71 -9.33 27.89 2.28
N SER A 72 -9.03 27.80 0.97
CA SER A 72 -9.92 27.16 0.01
C SER A 72 -9.38 25.79 -0.40
N GLU A 73 -10.30 24.94 -0.87
CA GLU A 73 -9.94 23.74 -1.59
C GLU A 73 -9.91 24.11 -3.08
N ILE A 74 -8.71 24.16 -3.64
CA ILE A 74 -8.53 24.58 -5.02
C ILE A 74 -8.23 23.36 -5.88
N THR A 75 -9.01 23.20 -6.97
CA THR A 75 -8.82 22.13 -7.93
C THR A 75 -8.75 22.72 -9.34
N THR A 76 -7.97 22.06 -10.20
CA THR A 76 -7.76 22.54 -11.57
C THR A 76 -8.07 21.42 -12.56
N LYS A 77 -8.47 21.82 -13.76
CA LYS A 77 -8.74 20.87 -14.85
C LYS A 77 -8.54 21.57 -16.19
N GLU A 78 -7.82 20.88 -17.09
CA GLU A 78 -7.56 21.40 -18.43
C GLU A 78 -8.86 21.41 -19.23
N SER A 79 -9.11 22.51 -19.96
CA SER A 79 -10.30 22.67 -20.77
C SER A 79 -9.93 23.45 -22.04
N GLY A 80 -9.67 22.70 -23.12
CA GLY A 80 -9.27 23.30 -24.39
C GLY A 80 -7.90 23.97 -24.26
N GLU A 81 -7.86 25.30 -24.49
CA GLU A 81 -6.64 26.08 -24.37
C GLU A 81 -6.65 26.86 -23.05
N PHE A 82 -7.34 26.30 -22.03
CA PHE A 82 -7.47 26.95 -20.74
C PHE A 82 -7.34 25.93 -19.62
N VAL A 83 -6.96 26.42 -18.43
CA VAL A 83 -6.98 25.63 -17.21
C VAL A 83 -8.07 26.20 -16.32
N GLU A 84 -9.13 25.42 -16.10
CA GLU A 84 -10.24 25.83 -15.25
C GLU A 84 -9.83 25.68 -13.79
N VAL A 85 -9.84 26.79 -13.04
CA VAL A 85 -9.48 26.79 -11.63
C VAL A 85 -10.75 26.95 -10.80
N THR A 86 -10.98 26.02 -9.86
CA THR A 86 -12.17 26.05 -9.00
C THR A 86 -11.73 26.33 -7.57
N TYR A 87 -12.47 27.24 -6.89
CA TYR A 87 -12.23 27.57 -5.50
C TYR A 87 -13.46 27.17 -4.68
N HIS A 88 -13.23 26.38 -3.62
CA HIS A 88 -14.27 26.01 -2.67
C HIS A 88 -13.87 26.56 -1.32
N TYR A 89 -14.52 27.66 -0.90
CA TYR A 89 -14.19 28.33 0.35
C TYR A 89 -15.37 28.29 1.29
N VAL A 90 -15.10 27.90 2.56
CA VAL A 90 -16.12 27.81 3.59
C VAL A 90 -15.68 28.65 4.79
N MET A 91 -16.58 29.54 5.24
CA MET A 91 -16.34 30.36 6.43
C MET A 91 -17.55 30.30 7.34
N LYS A 92 -17.30 30.33 8.66
CA LYS A 92 -18.36 30.22 9.66
C LYS A 92 -18.50 31.57 10.36
N VAL A 93 -19.65 32.24 10.11
CA VAL A 93 -19.91 33.55 10.66
C VAL A 93 -20.79 33.40 11.89
N PRO A 94 -20.40 34.01 13.05
CA PRO A 94 -21.25 33.99 14.25
C PRO A 94 -22.63 34.59 13.92
N LYS A 95 -23.68 33.99 14.51
CA LYS A 95 -25.05 34.43 14.27
C LYS A 95 -25.27 35.86 14.78
N THR A 96 -24.38 36.33 15.68
CA THR A 96 -24.51 37.66 16.28
C THR A 96 -23.90 38.74 15.37
N ASP A 97 -23.16 38.32 14.31
CA ASP A 97 -22.46 39.27 13.44
C ASP A 97 -23.47 40.30 12.90
N LYS A 98 -23.13 41.59 13.06
CA LYS A 98 -24.02 42.69 12.69
C LYS A 98 -24.11 42.85 11.16
N ASN A 99 -23.19 42.23 10.41
CA ASN A 99 -23.13 42.38 8.96
C ASN A 99 -23.86 41.23 8.25
N LEU A 100 -24.26 40.20 9.03
CA LEU A 100 -24.78 38.96 8.46
C LEU A 100 -26.17 39.17 7.84
N PRO A 101 -27.13 39.88 8.50
CA PRO A 101 -28.47 40.06 7.93
C PRO A 101 -28.49 40.64 6.51
N ARG A 102 -27.74 41.73 6.29
CA ARG A 102 -27.67 42.37 4.97
C ARG A 102 -26.99 41.44 3.97
N PHE A 103 -25.97 40.69 4.43
CA PHE A 103 -25.24 39.75 3.57
C PHE A 103 -26.20 38.68 3.06
N LEU A 104 -27.00 38.10 3.98
CA LEU A 104 -27.92 37.01 3.65
C LEU A 104 -28.99 37.48 2.65
N GLU A 105 -29.39 38.76 2.74
CA GLU A 105 -30.40 39.33 1.85
C GLU A 105 -29.87 39.37 0.40
N GLN A 106 -28.53 39.37 0.24
CA GLN A 106 -27.91 39.43 -1.09
C GLN A 106 -27.91 38.05 -1.76
N VAL A 107 -27.92 36.98 -0.96
CA VAL A 107 -27.83 35.62 -1.49
C VAL A 107 -29.14 35.26 -2.20
N SER A 108 -29.04 35.03 -3.53
CA SER A 108 -30.19 34.68 -4.37
C SER A 108 -31.27 35.76 -4.27
N ALA A 109 -30.84 37.04 -4.26
CA ALA A 109 -31.75 38.17 -4.17
C ALA A 109 -32.55 38.32 -5.47
N TYR A 110 -31.95 37.88 -6.60
CA TYR A 110 -32.56 38.01 -7.91
C TYR A 110 -33.83 37.14 -8.01
N SER A 111 -33.87 36.06 -7.19
CA SER A 111 -35.00 35.12 -7.21
C SER A 111 -35.89 35.33 -5.97
N ALA B 5 -17.69 -10.96 -13.14
CA ALA B 5 -16.26 -11.40 -13.10
C ALA B 5 -15.93 -12.20 -14.35
N THR B 6 -14.77 -11.91 -14.95
CA THR B 6 -14.29 -12.62 -16.14
C THR B 6 -13.60 -13.91 -15.69
N PRO B 7 -14.07 -15.10 -16.15
CA PRO B 7 -13.46 -16.36 -15.75
C PRO B 7 -12.07 -16.54 -16.36
N ALA B 8 -11.27 -17.43 -15.73
CA ALA B 8 -9.91 -17.69 -16.19
C ALA B 8 -9.95 -18.32 -17.59
N ARG B 9 -8.83 -18.17 -18.33
CA ARG B 9 -8.71 -18.72 -19.67
C ARG B 9 -8.84 -20.24 -19.62
N LYS B 10 -9.35 -20.81 -20.71
CA LYS B 10 -9.35 -22.25 -20.89
C LYS B 10 -8.04 -22.62 -21.58
N GLN B 11 -7.68 -23.90 -21.53
CA GLN B 11 -6.43 -24.36 -22.12
C GLN B 11 -6.39 -24.02 -23.62
N MET B 12 -7.56 -24.13 -24.30
CA MET B 12 -7.63 -23.90 -25.75
C MET B 12 -7.50 -22.41 -26.09
N ASP B 13 -7.59 -21.53 -25.07
CA ASP B 13 -7.41 -20.09 -25.29
C ASP B 13 -5.92 -19.74 -25.27
N LYS B 14 -5.08 -20.68 -24.80
CA LYS B 14 -3.65 -20.44 -24.71
C LYS B 14 -2.96 -20.87 -26.01
N PRO B 15 -1.73 -20.36 -26.29
CA PRO B 15 -0.91 -20.89 -27.37
C PRO B 15 -0.71 -22.38 -27.10
N GLU B 16 -0.60 -23.17 -28.17
CA GLU B 16 -0.57 -24.63 -28.08
C GLU B 16 0.52 -25.11 -27.10
N TRP B 17 1.70 -24.46 -27.15
CA TRP B 17 2.86 -24.91 -26.38
C TRP B 17 2.73 -24.58 -24.87
N LYS B 18 1.67 -23.83 -24.49
CA LYS B 18 1.45 -23.48 -23.08
C LYS B 18 0.27 -24.26 -22.51
N ARG B 19 -0.31 -25.19 -23.29
CA ARG B 19 -1.48 -25.94 -22.86
C ARG B 19 -1.08 -27.02 -21.87
N VAL B 20 -1.93 -27.19 -20.84
CA VAL B 20 -1.76 -28.22 -19.83
C VAL B 20 -3.04 -29.06 -19.85
N PRO B 21 -3.07 -30.18 -20.61
CA PRO B 21 -4.30 -30.97 -20.77
C PRO B 21 -4.79 -31.60 -19.46
N ASN B 22 -6.12 -31.73 -19.36
CA ASN B 22 -6.77 -32.29 -18.19
C ASN B 22 -7.99 -33.10 -18.67
N SER B 23 -8.87 -33.50 -17.73
CA SER B 23 -10.05 -34.30 -18.06
C SER B 23 -11.07 -33.49 -18.86
N GLU B 24 -11.10 -32.16 -18.65
CA GLU B 24 -12.03 -31.27 -19.34
C GLU B 24 -11.53 -31.01 -20.77
N GLU B 25 -10.28 -30.55 -20.88
CA GLU B 25 -9.62 -30.30 -22.16
C GLU B 25 -8.46 -31.28 -22.30
N ASP B 26 -8.72 -32.42 -22.95
CA ASP B 26 -7.79 -33.54 -22.97
C ASP B 26 -6.70 -33.32 -24.04
N VAL B 27 -5.81 -34.31 -24.16
CA VAL B 27 -4.65 -34.24 -25.05
C VAL B 27 -5.12 -34.13 -26.50
N ARG B 28 -6.15 -34.91 -26.87
CA ARG B 28 -6.71 -34.90 -28.23
C ARG B 28 -7.15 -33.48 -28.59
N LYS B 29 -7.80 -32.80 -27.64
CA LYS B 29 -8.33 -31.46 -27.87
C LYS B 29 -7.18 -30.45 -27.97
N CYS B 30 -6.19 -30.58 -27.08
CA CYS B 30 -5.10 -29.60 -26.98
C CYS B 30 -4.04 -29.79 -28.08
N PHE B 31 -3.71 -31.07 -28.41
CA PHE B 31 -2.58 -31.34 -29.30
C PHE B 31 -2.96 -32.25 -30.48
N GLY B 32 -4.26 -32.53 -30.65
CA GLY B 32 -4.71 -33.38 -31.74
C GLY B 32 -4.46 -34.86 -31.44
N PRO B 33 -4.86 -35.78 -32.36
CA PRO B 33 -4.69 -37.21 -32.13
C PRO B 33 -3.24 -37.67 -32.12
N ARG B 34 -3.00 -38.81 -31.47
CA ARG B 34 -1.67 -39.41 -31.44
C ARG B 34 -1.27 -39.79 -32.86
N SER B 35 -0.01 -39.50 -33.21
CA SER B 35 0.52 -39.79 -34.53
C SER B 35 2.00 -40.12 -34.42
N VAL B 36 2.65 -40.34 -35.57
CA VAL B 36 4.08 -40.63 -35.60
C VAL B 36 4.86 -39.40 -35.09
N SER B 37 4.34 -38.18 -35.37
CA SER B 37 5.00 -36.93 -34.99
C SER B 37 4.68 -36.57 -33.52
N ARG B 38 3.50 -37.00 -33.03
CA ARG B 38 3.10 -36.79 -31.64
C ARG B 38 2.65 -38.13 -31.08
N ASN B 39 3.63 -38.94 -30.62
CA ASN B 39 3.44 -40.38 -30.41
C ASN B 39 3.39 -40.76 -28.92
N PHE B 40 3.35 -39.77 -28.02
CA PHE B 40 3.44 -40.07 -26.59
C PHE B 40 2.07 -40.01 -25.94
N GLY B 41 1.77 -41.03 -25.09
CA GLY B 41 0.56 -41.04 -24.27
C GLY B 41 -0.35 -42.23 -24.59
N ASP B 42 -0.69 -43.00 -23.54
CA ASP B 42 -1.63 -44.11 -23.66
C ASP B 42 -3.05 -43.53 -23.60
N SER B 43 -4.05 -44.41 -23.67
CA SER B 43 -5.45 -43.99 -23.69
C SER B 43 -5.79 -43.14 -22.45
N ASP B 44 -5.23 -43.50 -21.28
CA ASP B 44 -5.54 -42.83 -20.03
C ASP B 44 -4.95 -41.42 -20.01
N LEU B 45 -3.67 -41.28 -20.41
CA LEU B 45 -3.00 -39.97 -20.48
C LEU B 45 -3.71 -39.08 -21.51
N VAL B 46 -4.09 -39.66 -22.66
CA VAL B 46 -4.75 -38.91 -23.72
C VAL B 46 -6.06 -38.31 -23.20
N GLN B 47 -6.81 -39.09 -22.41
CA GLN B 47 -8.15 -38.70 -21.97
C GLN B 47 -8.10 -37.76 -20.75
N HIS B 48 -7.08 -37.92 -19.88
CA HIS B 48 -7.06 -37.19 -18.60
C HIS B 48 -5.88 -36.22 -18.51
N GLY B 49 -4.94 -36.26 -19.47
CA GLY B 49 -3.80 -35.35 -19.48
C GLY B 49 -2.97 -35.47 -18.19
N VAL B 50 -2.74 -34.33 -17.52
CA VAL B 50 -1.89 -34.27 -16.32
C VAL B 50 -2.65 -34.84 -15.11
N GLU B 51 -3.98 -35.02 -15.25
CA GLU B 51 -4.80 -35.56 -14.16
C GLU B 51 -4.85 -37.10 -14.24
N ALA B 52 -4.16 -37.69 -15.24
CA ALA B 52 -4.08 -39.14 -15.36
C ALA B 52 -3.39 -39.70 -14.12
N LYS B 53 -3.84 -40.88 -13.69
CA LYS B 53 -3.39 -41.50 -12.44
C LYS B 53 -1.85 -41.59 -12.41
N HIS B 54 -1.24 -42.01 -13.52
CA HIS B 54 0.19 -42.31 -13.55
C HIS B 54 1.00 -41.18 -14.22
N PHE B 55 0.39 -40.00 -14.42
CA PHE B 55 1.10 -38.91 -15.07
C PHE B 55 2.28 -38.46 -14.18
N PRO B 56 2.11 -38.37 -12.82
CA PRO B 56 3.22 -37.96 -11.94
C PRO B 56 4.45 -38.85 -12.08
N THR B 57 4.23 -40.16 -12.27
CA THR B 57 5.30 -41.12 -12.49
C THR B 57 6.04 -40.76 -13.79
N ILE B 58 5.27 -40.59 -14.87
CA ILE B 58 5.81 -40.21 -16.18
C ILE B 58 6.56 -38.87 -16.09
N ALA B 59 6.00 -37.93 -15.32
CA ALA B 59 6.55 -36.57 -15.24
C ALA B 59 7.96 -36.57 -14.64
N GLU B 60 8.31 -37.63 -13.89
CA GLU B 60 9.64 -37.75 -13.28
C GLU B 60 10.73 -37.78 -14.35
N LEU B 61 10.39 -38.25 -15.57
CA LEU B 61 11.36 -38.36 -16.66
C LEU B 61 11.14 -37.27 -17.73
N LEU B 62 10.29 -36.28 -17.42
CA LEU B 62 10.10 -35.13 -18.30
C LEU B 62 11.06 -34.03 -17.85
N PRO B 63 11.81 -33.39 -18.78
CA PRO B 63 12.74 -32.33 -18.41
C PRO B 63 12.00 -31.07 -17.98
N THR B 64 12.66 -30.25 -17.15
CA THR B 64 12.12 -28.96 -16.77
C THR B 64 12.18 -28.05 -17.99
N GLN B 65 11.45 -26.95 -17.93
CA GLN B 65 11.42 -25.97 -18.99
C GLN B 65 12.84 -25.41 -19.20
N ALA B 66 13.57 -25.24 -18.09
CA ALA B 66 14.94 -24.72 -18.13
C ALA B 66 15.89 -25.76 -18.73
N ALA B 67 15.71 -27.04 -18.35
CA ALA B 67 16.55 -28.12 -18.86
C ALA B 67 16.38 -28.25 -20.37
N LEU B 68 15.14 -28.09 -20.85
CA LEU B 68 14.84 -28.14 -22.27
C LEU B 68 15.59 -27.01 -22.98
N ALA B 69 15.52 -25.81 -22.39
CA ALA B 69 16.11 -24.62 -22.98
C ALA B 69 17.63 -24.75 -23.09
N PHE B 70 18.27 -25.22 -22.01
CA PHE B 70 19.73 -25.20 -21.90
C PHE B 70 20.37 -26.56 -22.25
N GLY B 71 19.55 -27.59 -22.49
CA GLY B 71 20.07 -28.92 -22.78
C GLY B 71 19.72 -29.41 -24.19
N SER B 72 19.05 -28.55 -25.00
CA SER B 72 18.58 -28.94 -26.33
C SER B 72 19.42 -28.27 -27.41
N GLU B 73 19.44 -28.91 -28.59
CA GLU B 73 19.89 -28.27 -29.81
C GLU B 73 18.67 -27.61 -30.43
N ILE B 74 18.66 -26.27 -30.45
CA ILE B 74 17.52 -25.52 -30.93
C ILE B 74 17.85 -24.90 -32.28
N THR B 75 16.96 -25.14 -33.26
CA THR B 75 17.08 -24.58 -34.60
C THR B 75 15.74 -23.92 -34.95
N THR B 76 15.81 -22.88 -35.81
CA THR B 76 14.61 -22.16 -36.21
C THR B 76 14.57 -22.05 -37.73
N LYS B 77 13.38 -21.76 -38.25
CA LYS B 77 13.15 -21.67 -39.68
C LYS B 77 11.87 -20.89 -39.92
N GLU B 78 11.90 -19.99 -40.91
CA GLU B 78 10.71 -19.25 -41.31
C GLU B 78 9.84 -20.17 -42.16
N SER B 79 8.54 -20.20 -41.86
CA SER B 79 7.58 -21.04 -42.57
C SER B 79 6.22 -20.34 -42.61
N GLY B 80 5.86 -19.82 -43.79
CA GLY B 80 4.62 -19.07 -43.95
C GLY B 80 4.66 -17.79 -43.12
N GLU B 81 3.69 -17.65 -42.21
CA GLU B 81 3.62 -16.50 -41.31
C GLU B 81 4.02 -16.94 -39.90
N PHE B 82 4.96 -17.90 -39.80
CA PHE B 82 5.40 -18.43 -38.52
C PHE B 82 6.91 -18.67 -38.54
N VAL B 83 7.50 -18.73 -37.35
CA VAL B 83 8.87 -19.17 -37.18
C VAL B 83 8.82 -20.53 -36.48
N GLU B 84 9.26 -21.57 -37.20
CA GLU B 84 9.23 -22.93 -36.70
C GLU B 84 10.44 -23.17 -35.82
N VAL B 85 10.20 -23.36 -34.51
CA VAL B 85 11.27 -23.62 -33.54
C VAL B 85 11.30 -25.11 -33.26
N THR B 86 12.47 -25.74 -33.47
CA THR B 86 12.65 -27.16 -33.25
C THR B 86 13.58 -27.37 -32.05
N TYR B 87 13.14 -28.24 -31.13
CA TYR B 87 13.95 -28.62 -29.97
C TYR B 87 14.36 -30.08 -30.11
N HIS B 88 15.67 -30.32 -30.05
CA HIS B 88 16.21 -31.68 -30.04
C HIS B 88 16.86 -31.91 -28.67
N TYR B 89 16.15 -32.61 -27.78
CA TYR B 89 16.61 -32.84 -26.42
C TYR B 89 16.87 -34.32 -26.20
N VAL B 90 18.05 -34.63 -25.64
CA VAL B 90 18.45 -36.00 -25.37
C VAL B 90 18.81 -36.12 -23.89
N MET B 91 18.27 -37.16 -23.23
CA MET B 91 18.56 -37.44 -21.82
C MET B 91 18.79 -38.94 -21.64
N LYS B 92 19.66 -39.29 -20.68
CA LYS B 92 20.02 -40.67 -20.41
C LYS B 92 19.47 -41.08 -19.05
N VAL B 93 18.52 -42.03 -19.05
CA VAL B 93 17.88 -42.50 -17.84
C VAL B 93 18.50 -43.85 -17.45
N PRO B 94 18.95 -44.03 -16.18
CA PRO B 94 19.46 -45.32 -15.73
C PRO B 94 18.41 -46.41 -15.94
N LYS B 95 18.86 -47.59 -16.39
CA LYS B 95 17.97 -48.72 -16.67
C LYS B 95 17.22 -49.17 -15.41
N THR B 96 17.75 -48.81 -14.22
CA THR B 96 17.17 -49.23 -12.95
C THR B 96 16.07 -48.26 -12.49
N ASP B 97 15.91 -47.11 -13.18
CA ASP B 97 14.93 -46.09 -12.79
C ASP B 97 13.53 -46.73 -12.74
N LYS B 98 12.84 -46.52 -11.61
CA LYS B 98 11.56 -47.16 -11.35
C LYS B 98 10.41 -46.48 -12.14
N ASN B 99 10.68 -45.31 -12.72
CA ASN B 99 9.65 -44.56 -13.47
C ASN B 99 9.74 -44.88 -14.96
N LEU B 100 10.82 -45.57 -15.38
CA LEU B 100 11.11 -45.75 -16.81
C LEU B 100 10.09 -46.68 -17.47
N PRO B 101 9.68 -47.83 -16.85
CA PRO B 101 8.73 -48.74 -17.50
C PRO B 101 7.41 -48.11 -17.96
N ARG B 102 6.74 -47.38 -17.04
CA ARG B 102 5.48 -46.71 -17.38
C ARG B 102 5.71 -45.65 -18.45
N PHE B 103 6.87 -44.99 -18.40
CA PHE B 103 7.23 -43.97 -19.38
C PHE B 103 7.33 -44.61 -20.77
N LEU B 104 8.05 -45.74 -20.85
CA LEU B 104 8.28 -46.44 -22.12
C LEU B 104 6.94 -46.96 -22.69
N GLU B 105 5.99 -47.31 -21.79
CA GLU B 105 4.69 -47.80 -22.20
C GLU B 105 3.91 -46.70 -22.96
N GLN B 106 4.24 -45.42 -22.69
CA GLN B 106 3.54 -44.29 -23.30
C GLN B 106 4.05 -44.04 -24.74
N VAL B 107 5.32 -44.43 -25.01
CA VAL B 107 5.95 -44.14 -26.29
C VAL B 107 5.27 -44.98 -27.39
N SER B 108 4.61 -44.29 -28.34
CA SER B 108 3.90 -44.93 -29.45
C SER B 108 2.86 -45.93 -28.92
N ALA B 109 2.18 -45.54 -27.84
CA ALA B 109 1.19 -46.40 -27.19
C ALA B 109 -0.07 -46.52 -28.06
N TYR B 110 -0.32 -45.49 -28.89
CA TYR B 110 -1.50 -45.46 -29.75
C TYR B 110 -1.45 -46.61 -30.76
N SER B 111 -0.22 -47.00 -31.17
CA SER B 111 -0.03 -48.07 -32.15
C SER B 111 0.26 -49.40 -31.42
N ARG C 9 17.34 -27.93 -1.88
CA ARG C 9 18.07 -29.01 -2.61
C ARG C 9 18.86 -28.41 -3.77
N LYS C 10 20.15 -28.77 -3.85
CA LYS C 10 21.06 -28.26 -4.88
C LYS C 10 20.66 -28.83 -6.24
N GLN C 11 20.81 -28.00 -7.29
CA GLN C 11 20.49 -28.40 -8.65
C GLN C 11 21.38 -29.57 -9.09
N MET C 12 22.65 -29.56 -8.65
CA MET C 12 23.61 -30.59 -9.05
C MET C 12 23.34 -31.93 -8.34
N ASP C 13 22.46 -31.91 -7.32
CA ASP C 13 22.07 -33.16 -6.64
C ASP C 13 20.89 -33.80 -7.39
N LYS C 14 20.31 -33.06 -8.36
CA LYS C 14 19.20 -33.56 -9.16
C LYS C 14 19.72 -34.19 -10.44
N PRO C 15 18.92 -35.06 -11.12
CA PRO C 15 19.26 -35.54 -12.45
C PRO C 15 19.28 -34.32 -13.39
N GLU C 16 20.08 -34.42 -14.45
CA GLU C 16 20.35 -33.29 -15.34
C GLU C 16 19.04 -32.67 -15.88
N TRP C 17 18.06 -33.53 -16.20
CA TRP C 17 16.83 -33.07 -16.85
C TRP C 17 15.87 -32.35 -15.87
N LYS C 18 16.18 -32.41 -14.55
CA LYS C 18 15.33 -31.75 -13.55
C LYS C 18 16.02 -30.49 -12.98
N ARG C 19 17.15 -30.08 -13.57
CA ARG C 19 17.88 -28.94 -13.07
C ARG C 19 17.24 -27.63 -13.55
N VAL C 20 17.21 -26.65 -12.63
CA VAL C 20 16.69 -25.32 -12.92
C VAL C 20 17.82 -24.33 -12.59
N PRO C 21 18.71 -24.01 -13.58
CA PRO C 21 19.86 -23.14 -13.33
C PRO C 21 19.48 -21.77 -12.76
N ASN C 22 20.35 -21.25 -11.88
CA ASN C 22 20.15 -19.95 -11.25
C ASN C 22 21.52 -19.26 -11.12
N SER C 23 21.56 -18.15 -10.38
CA SER C 23 22.79 -17.37 -10.22
C SER C 23 23.84 -18.16 -9.41
N GLU C 24 23.38 -19.06 -8.51
CA GLU C 24 24.27 -19.85 -7.68
C GLU C 24 24.82 -21.03 -8.48
N GLU C 25 23.90 -21.82 -9.08
CA GLU C 25 24.25 -22.95 -9.93
C GLU C 25 23.81 -22.61 -11.36
N ASP C 26 24.74 -22.07 -12.14
CA ASP C 26 24.42 -21.51 -13.46
C ASP C 26 24.33 -22.61 -14.51
N VAL C 27 24.05 -22.19 -15.75
CA VAL C 27 23.84 -23.11 -16.88
C VAL C 27 25.12 -23.91 -17.15
N ARG C 28 26.28 -23.23 -17.10
CA ARG C 28 27.57 -23.88 -17.36
C ARG C 28 27.75 -25.07 -16.41
N LYS C 29 27.37 -24.89 -15.14
CA LYS C 29 27.54 -25.92 -14.13
C LYS C 29 26.52 -27.04 -14.32
N CYS C 30 25.27 -26.64 -14.67
CA CYS C 30 24.16 -27.59 -14.77
C CYS C 30 24.18 -28.38 -16.09
N PHE C 31 24.52 -27.71 -17.21
CA PHE C 31 24.40 -28.33 -18.54
C PHE C 31 25.69 -28.22 -19.36
N GLY C 32 26.78 -27.76 -18.74
CA GLY C 32 28.05 -27.65 -19.44
C GLY C 32 28.09 -26.43 -20.36
N PRO C 33 29.22 -26.21 -21.09
CA PRO C 33 29.36 -25.04 -21.95
C PRO C 33 28.46 -25.08 -23.19
N ARG C 34 28.17 -23.90 -23.75
CA ARG C 34 27.37 -23.80 -24.96
C ARG C 34 28.13 -24.49 -26.11
N SER C 35 27.38 -25.25 -26.92
CA SER C 35 27.96 -26.04 -28.00
C SER C 35 26.94 -26.20 -29.12
N VAL C 36 27.33 -26.94 -30.17
CA VAL C 36 26.44 -27.23 -31.29
C VAL C 36 25.27 -28.11 -30.79
N SER C 37 25.53 -28.91 -29.73
CA SER C 37 24.51 -29.81 -29.18
C SER C 37 23.61 -29.07 -28.17
N ARG C 38 24.17 -28.07 -27.47
CA ARG C 38 23.44 -27.25 -26.52
C ARG C 38 23.79 -25.77 -26.79
N ASN C 39 23.00 -25.14 -27.68
CA ASN C 39 23.40 -23.88 -28.32
C ASN C 39 22.58 -22.67 -27.85
N PHE C 40 21.70 -22.85 -26.86
CA PHE C 40 20.76 -21.79 -26.49
C PHE C 40 21.24 -21.07 -25.23
N GLY C 41 21.19 -19.71 -25.27
CA GLY C 41 21.48 -18.87 -24.11
C GLY C 41 22.68 -17.95 -24.34
N ASP C 42 22.46 -16.64 -24.15
CA ASP C 42 23.54 -15.65 -24.20
C ASP C 42 24.28 -15.70 -22.86
N SER C 43 25.29 -14.83 -22.71
CA SER C 43 26.13 -14.82 -21.51
C SER C 43 25.29 -14.55 -20.25
N ASP C 44 24.24 -13.72 -20.40
CA ASP C 44 23.37 -13.36 -19.28
C ASP C 44 22.61 -14.59 -18.78
N LEU C 45 21.97 -15.33 -19.72
CA LEU C 45 21.21 -16.53 -19.38
C LEU C 45 22.14 -17.61 -18.83
N VAL C 46 23.34 -17.73 -19.41
CA VAL C 46 24.29 -18.75 -18.99
C VAL C 46 24.71 -18.50 -17.53
N GLN C 47 24.86 -17.22 -17.15
CA GLN C 47 25.38 -16.85 -15.84
C GLN C 47 24.29 -16.86 -14.75
N HIS C 48 23.02 -16.62 -15.14
CA HIS C 48 21.95 -16.47 -14.16
C HIS C 48 20.82 -17.51 -14.33
N GLY C 49 20.83 -18.24 -15.45
CA GLY C 49 19.81 -19.24 -15.70
C GLY C 49 18.41 -18.62 -15.76
N VAL C 50 17.49 -19.14 -14.92
CA VAL C 50 16.10 -18.68 -14.91
C VAL C 50 16.00 -17.32 -14.19
N GLU C 51 17.07 -16.93 -13.47
CA GLU C 51 17.08 -15.65 -12.75
C GLU C 51 17.54 -14.51 -13.67
N ALA C 52 17.94 -14.84 -14.93
CA ALA C 52 18.33 -13.83 -15.89
C ALA C 52 17.17 -12.85 -16.12
N LYS C 53 17.51 -11.57 -16.27
CA LYS C 53 16.53 -10.49 -16.34
C LYS C 53 15.53 -10.71 -17.48
N HIS C 54 16.00 -11.26 -18.62
CA HIS C 54 15.15 -11.42 -19.81
C HIS C 54 14.65 -12.87 -19.97
N PHE C 55 14.90 -13.74 -18.98
CA PHE C 55 14.50 -15.14 -19.08
C PHE C 55 12.97 -15.24 -19.19
N PRO C 56 12.18 -14.46 -18.40
CA PRO C 56 10.71 -14.53 -18.49
C PRO C 56 10.17 -14.33 -19.90
N THR C 57 10.77 -13.38 -20.64
CA THR C 57 10.38 -13.11 -22.03
C THR C 57 10.64 -14.34 -22.89
N ILE C 58 11.85 -14.93 -22.73
CA ILE C 58 12.24 -16.12 -23.47
C ILE C 58 11.31 -17.29 -23.10
N ALA C 59 10.94 -17.39 -21.81
CA ALA C 59 10.13 -18.48 -21.31
C ALA C 59 8.73 -18.50 -21.95
N GLU C 60 8.30 -17.35 -22.52
CA GLU C 60 7.02 -17.27 -23.19
C GLU C 60 6.96 -18.21 -24.40
N LEU C 61 8.15 -18.54 -24.97
CA LEU C 61 8.21 -19.39 -26.15
C LEU C 61 8.83 -20.76 -25.81
N LEU C 62 8.82 -21.11 -24.52
CA LEU C 62 9.22 -22.44 -24.08
C LEU C 62 7.96 -23.23 -23.77
N PRO C 63 7.85 -24.51 -24.20
CA PRO C 63 6.65 -25.29 -23.95
C PRO C 63 6.54 -25.69 -22.48
N THR C 64 5.30 -25.95 -22.04
CA THR C 64 5.07 -26.52 -20.72
C THR C 64 5.56 -27.96 -20.76
N GLN C 65 5.64 -28.57 -19.59
CA GLN C 65 6.12 -29.94 -19.47
C GLN C 65 5.16 -30.89 -20.18
N ALA C 66 3.85 -30.62 -20.05
CA ALA C 66 2.82 -31.44 -20.68
C ALA C 66 2.84 -31.26 -22.19
N ALA C 67 3.02 -30.00 -22.65
CA ALA C 67 3.07 -29.69 -24.07
C ALA C 67 4.22 -30.45 -24.74
N LEU C 68 5.37 -30.48 -24.06
CA LEU C 68 6.54 -31.20 -24.54
C LEU C 68 6.20 -32.69 -24.67
N ALA C 69 5.52 -33.23 -23.66
CA ALA C 69 5.20 -34.64 -23.60
C ALA C 69 4.26 -35.03 -24.76
N PHE C 70 3.19 -34.24 -24.96
CA PHE C 70 2.12 -34.62 -25.89
C PHE C 70 2.26 -33.92 -27.25
N GLY C 71 3.33 -33.13 -27.43
CA GLY C 71 3.54 -32.42 -28.69
C GLY C 71 4.87 -32.80 -29.36
N SER C 72 5.55 -33.85 -28.82
CA SER C 72 6.86 -34.25 -29.31
C SER C 72 6.81 -35.62 -29.96
N GLU C 73 7.80 -35.87 -30.84
CA GLU C 73 8.10 -37.21 -31.29
C GLU C 73 9.19 -37.75 -30.39
N ILE C 74 8.83 -38.73 -29.56
CA ILE C 74 9.76 -39.28 -28.58
C ILE C 74 10.21 -40.66 -29.03
N THR C 75 11.55 -40.84 -29.05
CA THR C 75 12.16 -42.11 -29.41
C THR C 75 13.15 -42.49 -28.32
N THR C 76 13.34 -43.81 -28.12
CA THR C 76 14.22 -44.31 -27.07
C THR C 76 15.21 -45.30 -27.68
N LYS C 77 16.35 -45.49 -26.99
CA LYS C 77 17.41 -46.39 -27.41
C LYS C 77 18.19 -46.84 -26.18
N GLU C 78 18.59 -48.11 -26.15
CA GLU C 78 19.45 -48.61 -25.09
C GLU C 78 20.88 -48.17 -25.36
N SER C 79 21.55 -47.67 -24.31
CA SER C 79 22.90 -47.15 -24.41
C SER C 79 23.67 -47.45 -23.13
N GLY C 80 24.40 -48.57 -23.12
CA GLY C 80 25.16 -49.00 -21.95
C GLY C 80 24.22 -49.41 -20.82
N GLU C 81 24.33 -48.68 -19.69
CA GLU C 81 23.50 -48.95 -18.51
C GLU C 81 22.40 -47.89 -18.41
N PHE C 82 21.99 -47.33 -19.57
CA PHE C 82 20.99 -46.28 -19.62
C PHE C 82 20.06 -46.50 -20.80
N VAL C 83 18.89 -45.83 -20.74
CA VAL C 83 17.99 -45.74 -21.88
C VAL C 83 17.98 -44.28 -22.32
N GLU C 84 18.51 -44.03 -23.53
CA GLU C 84 18.59 -42.69 -24.09
C GLU C 84 17.22 -42.29 -24.63
N VAL C 85 16.65 -41.22 -24.07
CA VAL C 85 15.35 -40.72 -24.49
C VAL C 85 15.56 -39.43 -25.29
N THR C 86 15.04 -39.41 -26.52
CA THR C 86 15.17 -38.26 -27.41
C THR C 86 13.80 -37.61 -27.62
N TYR C 87 13.76 -36.29 -27.43
CA TYR C 87 12.55 -35.50 -27.65
C TYR C 87 12.75 -34.62 -28.88
N HIS C 88 11.87 -34.78 -29.87
CA HIS C 88 11.85 -33.93 -31.04
C HIS C 88 10.56 -33.10 -31.01
N TYR C 89 10.68 -31.83 -30.60
CA TYR C 89 9.53 -30.96 -30.42
C TYR C 89 9.60 -29.80 -31.40
N VAL C 90 8.50 -29.58 -32.13
CA VAL C 90 8.39 -28.49 -33.08
C VAL C 90 7.18 -27.62 -32.71
N MET C 91 7.42 -26.30 -32.60
CA MET C 91 6.36 -25.34 -32.33
C MET C 91 6.45 -24.21 -33.35
N LYS C 92 5.28 -23.69 -33.76
CA LYS C 92 5.20 -22.62 -34.75
C LYS C 92 4.75 -21.33 -34.05
N VAL C 93 5.66 -20.35 -34.01
CA VAL C 93 5.41 -19.08 -33.35
C VAL C 93 5.05 -18.05 -34.42
N PRO C 94 3.93 -17.29 -34.25
CA PRO C 94 3.61 -16.21 -35.18
C PRO C 94 4.76 -15.20 -35.23
N LYS C 95 5.10 -14.72 -36.44
CA LYS C 95 6.20 -13.79 -36.61
C LYS C 95 5.92 -12.46 -35.89
N THR C 96 4.63 -12.21 -35.59
CA THR C 96 4.22 -10.98 -34.93
C THR C 96 4.40 -11.08 -33.40
N ASP C 97 4.67 -12.30 -32.89
CA ASP C 97 4.89 -12.51 -31.46
C ASP C 97 6.04 -11.59 -31.00
N LYS C 98 5.79 -10.84 -29.90
CA LYS C 98 6.72 -9.80 -29.44
C LYS C 98 7.94 -10.42 -28.74
N ASN C 99 7.82 -11.69 -28.31
CA ASN C 99 8.89 -12.34 -27.55
C ASN C 99 9.88 -13.03 -28.50
N LEU C 100 9.53 -13.09 -29.79
CA LEU C 100 10.29 -13.85 -30.77
C LEU C 100 11.70 -13.24 -30.96
N PRO C 101 11.85 -11.89 -31.11
CA PRO C 101 13.18 -11.30 -31.30
C PRO C 101 14.23 -11.67 -30.25
N ARG C 102 13.87 -11.54 -28.96
CA ARG C 102 14.79 -11.82 -27.87
C ARG C 102 15.08 -13.33 -27.79
N PHE C 103 14.08 -14.16 -28.11
CA PHE C 103 14.24 -15.61 -28.10
C PHE C 103 15.27 -16.02 -29.16
N LEU C 104 15.11 -15.47 -30.38
CA LEU C 104 15.98 -15.81 -31.51
C LEU C 104 17.43 -15.38 -31.24
N GLU C 105 17.60 -14.31 -30.45
CA GLU C 105 18.93 -13.79 -30.12
C GLU C 105 19.69 -14.77 -29.20
N GLN C 106 18.96 -15.69 -28.54
CA GLN C 106 19.57 -16.67 -27.64
C GLN C 106 20.13 -17.86 -28.43
N VAL C 107 19.54 -18.13 -29.61
CA VAL C 107 19.91 -19.31 -30.39
C VAL C 107 21.32 -19.13 -30.95
N SER C 108 22.24 -20.02 -30.49
CA SER C 108 23.64 -19.99 -30.90
C SER C 108 24.24 -18.59 -30.63
N ALA C 109 23.92 -18.03 -29.45
CA ALA C 109 24.38 -16.71 -29.06
C ALA C 109 25.89 -16.73 -28.77
N TYR C 110 26.40 -17.91 -28.40
CA TYR C 110 27.81 -18.08 -28.02
C TYR C 110 28.70 -17.99 -29.27
N SER C 111 28.16 -18.38 -30.45
CA SER C 111 28.95 -18.54 -31.65
C SER C 111 29.12 -17.21 -32.39
N LYS C 112 30.13 -17.17 -33.27
CA LYS C 112 30.43 -15.99 -34.07
C LYS C 112 29.56 -16.00 -35.35
N LYS D 10 -14.05 2.45 35.42
CA LYS D 10 -13.70 2.68 33.99
C LYS D 10 -13.44 4.17 33.76
N GLN D 11 -12.44 4.47 32.93
CA GLN D 11 -12.06 5.83 32.62
C GLN D 11 -13.20 6.53 31.87
N MET D 12 -13.88 5.78 30.99
CA MET D 12 -14.94 6.36 30.15
C MET D 12 -16.22 6.63 30.96
N ASP D 13 -16.27 6.15 32.22
CA ASP D 13 -17.39 6.47 33.11
C ASP D 13 -17.14 7.82 33.81
N LYS D 14 -15.89 8.31 33.75
CA LYS D 14 -15.50 9.57 34.37
C LYS D 14 -15.70 10.73 33.39
N PRO D 15 -15.76 11.99 33.88
CA PRO D 15 -15.74 13.15 33.00
C PRO D 15 -14.38 13.16 32.30
N GLU D 16 -14.33 13.75 31.09
CA GLU D 16 -13.16 13.69 30.22
C GLU D 16 -11.89 14.17 30.97
N TRP D 17 -12.04 15.23 31.77
CA TRP D 17 -10.89 15.88 32.43
C TRP D 17 -10.36 15.04 33.61
N LYS D 18 -11.08 13.96 33.99
CA LYS D 18 -10.65 13.09 35.10
C LYS D 18 -10.15 11.74 34.59
N ARG D 19 -10.00 11.60 33.26
CA ARG D 19 -9.60 10.33 32.68
C ARG D 19 -8.09 10.17 32.77
N VAL D 20 -7.66 8.93 33.05
CA VAL D 20 -6.27 8.55 33.12
C VAL D 20 -6.08 7.38 32.15
N PRO D 21 -5.75 7.64 30.86
CA PRO D 21 -5.67 6.58 29.86
C PRO D 21 -4.61 5.54 30.16
N ASN D 22 -4.90 4.30 29.78
CA ASN D 22 -4.01 3.17 30.00
C ASN D 22 -4.07 2.24 28.78
N SER D 23 -3.52 1.03 28.91
CA SER D 23 -3.47 0.07 27.80
C SER D 23 -4.87 -0.46 27.49
N GLU D 24 -5.78 -0.43 28.48
CA GLU D 24 -7.13 -0.95 28.32
C GLU D 24 -8.01 0.11 27.63
N GLU D 25 -8.03 1.33 28.22
CA GLU D 25 -8.75 2.47 27.66
C GLU D 25 -7.71 3.54 27.29
N ASP D 26 -7.31 3.55 26.01
CA ASP D 26 -6.17 4.34 25.57
C ASP D 26 -6.56 5.82 25.36
N VAL D 27 -5.58 6.61 24.91
CA VAL D 27 -5.75 8.06 24.71
C VAL D 27 -6.80 8.32 23.64
N ARG D 28 -6.77 7.50 22.56
CA ARG D 28 -7.72 7.65 21.46
C ARG D 28 -9.16 7.54 21.99
N LYS D 29 -9.40 6.57 22.87
CA LYS D 29 -10.73 6.34 23.42
C LYS D 29 -11.10 7.47 24.39
N CYS D 30 -10.14 7.92 25.21
CA CYS D 30 -10.40 8.88 26.28
C CYS D 30 -10.49 10.33 25.75
N PHE D 31 -9.60 10.70 24.79
CA PHE D 31 -9.49 12.10 24.36
C PHE D 31 -9.59 12.26 22.85
N GLY D 32 -9.99 11.19 22.13
CA GLY D 32 -10.14 11.26 20.68
C GLY D 32 -8.78 11.23 19.98
N PRO D 33 -8.76 11.36 18.63
CA PRO D 33 -7.50 11.30 17.87
C PRO D 33 -6.61 12.51 18.10
N ARG D 34 -5.30 12.32 17.90
CA ARG D 34 -4.35 13.40 17.97
C ARG D 34 -4.72 14.42 16.90
N SER D 35 -4.63 15.71 17.25
CA SER D 35 -5.01 16.79 16.37
C SER D 35 -4.19 18.03 16.68
N VAL D 36 -4.49 19.14 15.98
CA VAL D 36 -3.79 20.40 16.20
C VAL D 36 -4.14 20.95 17.60
N SER D 37 -5.35 20.61 18.10
CA SER D 37 -5.82 21.11 19.40
C SER D 37 -5.42 20.14 20.54
N ARG D 38 -5.25 18.85 20.20
CA ARG D 38 -4.76 17.84 21.14
C ARG D 38 -3.61 17.09 20.46
N ASN D 39 -2.40 17.64 20.57
CA ASN D 39 -1.29 17.28 19.69
C ASN D 39 -0.18 16.51 20.41
N PHE D 40 -0.40 16.12 21.67
CA PHE D 40 0.67 15.50 22.46
C PHE D 40 0.51 13.99 22.51
N GLY D 41 1.62 13.27 22.24
CA GLY D 41 1.67 11.81 22.40
C GLY D 41 2.06 11.10 21.10
N ASP D 42 3.14 10.30 21.17
CA ASP D 42 3.54 9.44 20.06
C ASP D 42 2.61 8.23 20.05
N SER D 43 2.85 7.29 19.11
CA SER D 43 2.00 6.12 18.97
C SER D 43 2.00 5.28 20.27
N ASP D 44 3.15 5.22 20.96
CA ASP D 44 3.29 4.42 22.17
C ASP D 44 2.43 5.01 23.29
N LEU D 45 2.51 6.34 23.48
CA LEU D 45 1.71 7.03 24.51
C LEU D 45 0.23 6.94 24.18
N VAL D 46 -0.13 7.11 22.90
CA VAL D 46 -1.53 7.08 22.48
C VAL D 46 -2.13 5.71 22.79
N GLN D 47 -1.34 4.65 22.56
CA GLN D 47 -1.84 3.28 22.65
C GLN D 47 -1.84 2.77 24.11
N HIS D 48 -0.96 3.33 24.97
CA HIS D 48 -0.79 2.79 26.34
C HIS D 48 -1.02 3.85 27.43
N GLY D 49 -1.16 5.13 27.04
CA GLY D 49 -1.40 6.19 28.02
C GLY D 49 -0.29 6.26 29.08
N VAL D 50 -0.70 6.27 30.37
CA VAL D 50 0.24 6.41 31.49
C VAL D 50 1.06 5.12 31.66
N GLU D 51 0.64 4.03 30.99
CA GLU D 51 1.34 2.74 31.09
C GLU D 51 2.46 2.64 30.03
N ALA D 52 2.59 3.68 29.18
CA ALA D 52 3.65 3.71 28.18
C ALA D 52 5.02 3.64 28.85
N LYS D 53 5.97 2.95 28.20
CA LYS D 53 7.30 2.70 28.76
C LYS D 53 7.97 3.99 29.23
N HIS D 54 7.90 5.05 28.40
CA HIS D 54 8.64 6.28 28.65
C HIS D 54 7.75 7.38 29.25
N PHE D 55 6.53 7.02 29.70
CA PHE D 55 5.61 8.01 30.25
C PHE D 55 6.22 8.64 31.52
N PRO D 56 6.83 7.84 32.45
CA PRO D 56 7.44 8.40 33.65
C PRO D 56 8.46 9.51 33.38
N THR D 57 9.29 9.31 32.33
CA THR D 57 10.28 10.30 31.92
C THR D 57 9.57 11.57 31.45
N ILE D 58 8.57 11.38 30.59
CA ILE D 58 7.82 12.48 30.00
C ILE D 58 7.02 13.22 31.09
N ALA D 59 6.55 12.47 32.10
CA ALA D 59 5.73 13.02 33.17
C ALA D 59 6.55 13.92 34.10
N GLU D 60 7.89 13.84 34.03
CA GLU D 60 8.77 14.69 34.84
C GLU D 60 8.55 16.17 34.49
N LEU D 61 8.05 16.43 33.26
CA LEU D 61 7.85 17.80 32.79
C LEU D 61 6.35 18.15 32.70
N LEU D 62 5.50 17.30 33.30
CA LEU D 62 4.07 17.59 33.41
C LEU D 62 3.82 18.21 34.78
N PRO D 63 3.05 19.32 34.87
CA PRO D 63 2.77 19.94 36.16
C PRO D 63 1.82 19.10 37.00
N THR D 64 1.88 19.30 38.33
CA THR D 64 0.92 18.69 39.22
C THR D 64 -0.42 19.41 39.02
N GLN D 65 -1.48 18.77 39.50
CA GLN D 65 -2.81 19.33 39.41
C GLN D 65 -2.85 20.69 40.12
N ALA D 66 -2.14 20.79 41.26
CA ALA D 66 -2.09 22.02 42.04
C ALA D 66 -1.27 23.09 41.32
N ALA D 67 -0.12 22.69 40.74
CA ALA D 67 0.73 23.61 40.01
C ALA D 67 -0.04 24.22 38.83
N LEU D 68 -0.86 23.39 38.16
CA LEU D 68 -1.68 23.84 37.05
C LEU D 68 -2.69 24.87 37.54
N ALA D 69 -3.36 24.54 38.66
CA ALA D 69 -4.40 25.40 39.22
C ALA D 69 -3.86 26.79 39.57
N PHE D 70 -2.71 26.82 40.27
CA PHE D 70 -2.21 28.07 40.86
C PHE D 70 -1.13 28.73 39.99
N GLY D 71 -0.75 28.09 38.87
CA GLY D 71 0.26 28.64 37.98
C GLY D 71 -0.30 29.01 36.60
N SER D 72 -1.62 28.80 36.40
CA SER D 72 -2.25 29.04 35.11
C SER D 72 -3.06 30.33 35.12
N GLU D 73 -3.24 30.89 33.91
CA GLU D 73 -4.22 31.94 33.67
C GLU D 73 -5.49 31.24 33.25
N ILE D 74 -6.51 31.28 34.12
CA ILE D 74 -7.76 30.57 33.88
C ILE D 74 -8.85 31.57 33.51
N THR D 75 -9.48 31.31 32.35
CA THR D 75 -10.60 32.13 31.86
C THR D 75 -11.76 31.20 31.55
N THR D 76 -12.99 31.73 31.66
CA THR D 76 -14.20 30.93 31.47
C THR D 76 -15.18 31.69 30.58
N LYS D 77 -16.04 30.93 29.88
CA LYS D 77 -17.13 31.50 29.12
C LYS D 77 -18.24 30.44 28.98
N GLU D 78 -19.49 30.91 28.93
CA GLU D 78 -20.63 30.05 28.71
C GLU D 78 -20.74 29.76 27.22
N SER D 79 -20.94 28.48 26.88
CA SER D 79 -21.07 28.06 25.49
C SER D 79 -22.04 26.88 25.42
N GLY D 80 -23.29 27.17 25.05
CA GLY D 80 -24.34 26.16 25.00
C GLY D 80 -24.79 25.79 26.42
N GLU D 81 -24.77 24.48 26.72
CA GLU D 81 -25.13 24.00 28.05
C GLU D 81 -23.87 23.61 28.82
N PHE D 82 -22.77 24.35 28.57
CA PHE D 82 -21.48 24.08 29.21
C PHE D 82 -20.79 25.40 29.55
N VAL D 83 -19.90 25.34 30.56
CA VAL D 83 -18.99 26.43 30.87
C VAL D 83 -17.61 25.98 30.47
N GLU D 84 -17.05 26.61 29.43
CA GLU D 84 -15.73 26.26 28.92
C GLU D 84 -14.67 26.93 29.78
N VAL D 85 -13.86 26.11 30.47
CA VAL D 85 -12.77 26.58 31.31
C VAL D 85 -11.46 26.40 30.54
N THR D 86 -10.73 27.50 30.34
CA THR D 86 -9.46 27.48 29.62
C THR D 86 -8.32 27.69 30.59
N TYR D 87 -7.31 26.81 30.53
CA TYR D 87 -6.09 26.93 31.33
C TYR D 87 -4.93 27.27 30.41
N HIS D 88 -4.27 28.40 30.69
CA HIS D 88 -3.06 28.79 29.97
C HIS D 88 -1.89 28.68 30.94
N TYR D 89 -1.10 27.60 30.79
CA TYR D 89 0.01 27.32 31.70
C TYR D 89 1.33 27.39 30.94
N VAL D 90 2.29 28.11 31.53
CA VAL D 90 3.62 28.27 30.94
C VAL D 90 4.66 27.86 31.98
N MET D 91 5.60 26.99 31.56
CA MET D 91 6.70 26.54 32.41
C MET D 91 7.99 26.58 31.61
N LYS D 92 9.10 26.93 32.29
CA LYS D 92 10.41 27.02 31.66
C LYS D 92 11.27 25.84 32.13
N VAL D 93 11.70 25.01 31.16
CA VAL D 93 12.52 23.85 31.44
C VAL D 93 13.95 24.14 30.98
N PRO D 94 14.99 23.95 31.84
CA PRO D 94 16.37 24.14 31.42
C PRO D 94 16.67 23.29 30.18
N LYS D 95 17.47 23.85 29.26
CA LYS D 95 17.81 23.18 28.01
C LYS D 95 18.60 21.88 28.28
N THR D 96 19.24 21.79 29.46
CA THR D 96 20.08 20.64 29.80
C THR D 96 19.24 19.51 30.43
N ASP D 97 17.95 19.76 30.69
CA ASP D 97 17.08 18.76 31.32
C ASP D 97 17.08 17.48 30.48
N LYS D 98 17.32 16.34 31.14
CA LYS D 98 17.49 15.06 30.45
C LYS D 98 16.13 14.44 30.05
N ASN D 99 15.02 14.98 30.61
CA ASN D 99 13.69 14.46 30.32
C ASN D 99 13.07 15.21 29.14
N LEU D 100 13.70 16.33 28.72
CA LEU D 100 13.11 17.25 27.76
C LEU D 100 13.08 16.65 26.35
N PRO D 101 14.15 15.97 25.86
CA PRO D 101 14.14 15.42 24.50
C PRO D 101 12.98 14.48 24.18
N ARG D 102 12.71 13.51 25.08
CA ARG D 102 11.60 12.58 24.89
C ARG D 102 10.27 13.33 24.95
N PHE D 103 10.17 14.32 25.86
CA PHE D 103 8.97 15.13 26.00
C PHE D 103 8.68 15.83 24.67
N LEU D 104 9.71 16.49 24.11
CA LEU D 104 9.56 17.27 22.88
C LEU D 104 9.18 16.36 21.70
N GLU D 105 9.63 15.09 21.72
CA GLU D 105 9.31 14.14 20.65
C GLU D 105 7.80 13.85 20.62
N GLN D 106 7.12 14.08 21.76
CA GLN D 106 5.69 13.81 21.88
C GLN D 106 4.87 14.94 21.24
N VAL D 107 5.44 16.16 21.21
CA VAL D 107 4.72 17.34 20.74
C VAL D 107 4.48 17.22 19.23
N SER D 108 3.20 17.11 18.85
CA SER D 108 2.78 16.97 17.45
C SER D 108 3.46 15.76 16.81
N ALA D 109 3.54 14.66 17.58
CA ALA D 109 4.16 13.42 17.10
C ALA D 109 3.33 12.81 15.96
N TYR D 110 2.00 13.00 16.04
CA TYR D 110 1.05 12.40 15.09
C TYR D 110 1.31 12.92 13.66
N SER D 111 1.83 14.17 13.56
CA SER D 111 2.07 14.80 12.26
C SER D 111 3.58 14.72 11.90
N THR E 6 16.75 -0.59 5.56
CA THR E 6 16.64 -2.05 5.82
C THR E 6 15.77 -2.34 7.06
N PRO E 7 15.86 -1.56 8.18
CA PRO E 7 15.03 -1.84 9.36
C PRO E 7 13.54 -1.74 9.07
N ALA E 8 12.83 -2.87 9.23
CA ALA E 8 11.39 -2.94 9.02
C ALA E 8 10.68 -2.32 10.22
N ARG E 9 9.55 -1.63 9.95
CA ARG E 9 8.77 -1.03 11.01
C ARG E 9 7.95 -2.10 11.72
N LYS E 10 7.68 -1.86 13.01
CA LYS E 10 6.79 -2.72 13.79
C LYS E 10 5.36 -2.41 13.35
N GLN E 11 4.46 -3.36 13.55
CA GLN E 11 3.09 -3.27 13.05
C GLN E 11 2.36 -2.06 13.66
N MET E 12 2.53 -1.83 14.97
CA MET E 12 1.80 -0.76 15.67
C MET E 12 2.42 0.62 15.39
N ASP E 13 3.51 0.67 14.61
CA ASP E 13 4.11 1.94 14.18
C ASP E 13 3.58 2.31 12.79
N LYS E 14 2.82 1.39 12.16
CA LYS E 14 2.24 1.61 10.84
C LYS E 14 0.79 2.06 10.98
N PRO E 15 0.20 2.69 9.93
CA PRO E 15 -1.23 2.97 9.92
C PRO E 15 -1.96 1.61 9.90
N GLU E 16 -3.19 1.61 10.43
CA GLU E 16 -3.94 0.38 10.66
C GLU E 16 -4.04 -0.48 9.38
N TRP E 17 -4.24 0.18 8.23
CA TRP E 17 -4.49 -0.52 6.96
C TRP E 17 -3.23 -1.19 6.39
N LYS E 18 -2.06 -0.90 6.97
CA LYS E 18 -0.80 -1.50 6.48
C LYS E 18 -0.27 -2.54 7.47
N ARG E 19 -1.06 -2.88 8.49
CA ARG E 19 -0.63 -3.82 9.51
C ARG E 19 -0.75 -5.25 9.01
N VAL E 20 0.23 -6.07 9.40
CA VAL E 20 0.26 -7.50 9.09
C VAL E 20 0.43 -8.24 10.41
N PRO E 21 -0.67 -8.64 11.09
CA PRO E 21 -0.59 -9.25 12.42
C PRO E 21 0.25 -10.52 12.44
N ASN E 22 0.86 -10.78 13.60
CA ASN E 22 1.70 -11.95 13.82
C ASN E 22 1.58 -12.36 15.29
N SER E 23 2.40 -13.33 15.71
CA SER E 23 2.35 -13.85 17.07
C SER E 23 2.77 -12.79 18.10
N GLU E 24 3.59 -11.81 17.68
CA GLU E 24 4.06 -10.76 18.59
C GLU E 24 3.00 -9.66 18.69
N GLU E 25 2.65 -9.08 17.53
CA GLU E 25 1.61 -8.05 17.45
C GLU E 25 0.39 -8.68 16.77
N ASP E 26 -0.50 -9.26 17.59
CA ASP E 26 -1.60 -10.08 17.10
C ASP E 26 -2.74 -9.20 16.55
N VAL E 27 -3.83 -9.87 16.13
CA VAL E 27 -4.97 -9.20 15.50
C VAL E 27 -5.64 -8.26 16.51
N ARG E 28 -5.78 -8.75 17.77
CA ARG E 28 -6.41 -7.98 18.83
C ARG E 28 -5.69 -6.62 18.99
N LYS E 29 -4.36 -6.65 18.93
CA LYS E 29 -3.55 -5.44 19.11
C LYS E 29 -3.65 -4.55 17.87
N CYS E 30 -3.58 -5.17 16.68
CA CYS E 30 -3.53 -4.43 15.41
C CYS E 30 -4.91 -3.86 15.02
N PHE E 31 -5.99 -4.65 15.23
CA PHE E 31 -7.30 -4.29 14.70
C PHE E 31 -8.40 -4.29 15.77
N GLY E 32 -8.03 -4.48 17.05
CA GLY E 32 -9.01 -4.47 18.13
C GLY E 32 -9.79 -5.78 18.20
N PRO E 33 -10.76 -5.91 19.14
CA PRO E 33 -11.49 -7.16 19.32
C PRO E 33 -12.43 -7.49 18.17
N ARG E 34 -12.74 -8.78 18.02
CA ARG E 34 -13.67 -9.23 17.00
C ARG E 34 -15.05 -8.65 17.31
N SER E 35 -15.73 -8.16 16.27
CA SER E 35 -17.04 -7.55 16.40
C SER E 35 -17.83 -7.74 15.10
N VAL E 36 -19.05 -7.22 15.06
CA VAL E 36 -19.88 -7.30 13.85
C VAL E 36 -19.23 -6.50 12.71
N SER E 37 -18.44 -5.46 13.08
CA SER E 37 -17.76 -4.61 12.11
C SER E 37 -16.45 -5.26 11.61
N ARG E 38 -15.80 -6.03 12.51
CA ARG E 38 -14.56 -6.75 12.19
C ARG E 38 -14.70 -8.18 12.73
N ASN E 39 -15.29 -9.08 11.91
CA ASN E 39 -15.82 -10.35 12.40
C ASN E 39 -15.00 -11.56 11.94
N PHE E 40 -13.85 -11.35 11.29
CA PHE E 40 -13.12 -12.46 10.69
C PHE E 40 -11.97 -12.92 11.61
N GLY E 41 -11.87 -14.25 11.79
CA GLY E 41 -10.74 -14.86 12.47
C GLY E 41 -11.13 -15.59 13.76
N ASP E 42 -10.71 -16.86 13.86
CA ASP E 42 -10.89 -17.65 15.07
C ASP E 42 -9.81 -17.24 16.07
N SER E 43 -9.81 -17.87 17.25
CA SER E 43 -8.88 -17.53 18.32
C SER E 43 -7.42 -17.73 17.88
N ASP E 44 -7.19 -18.69 16.96
CA ASP E 44 -5.84 -19.00 16.48
C ASP E 44 -5.33 -17.89 15.57
N LEU E 45 -6.17 -17.49 14.58
CA LEU E 45 -5.83 -16.38 13.68
C LEU E 45 -5.69 -15.09 14.47
N VAL E 46 -6.53 -14.90 15.50
CA VAL E 46 -6.47 -13.68 16.30
C VAL E 46 -5.13 -13.61 17.04
N GLN E 47 -4.68 -14.74 17.59
CA GLN E 47 -3.46 -14.77 18.42
C GLN E 47 -2.19 -14.78 17.57
N HIS E 48 -2.25 -15.40 16.37
CA HIS E 48 -1.02 -15.61 15.57
C HIS E 48 -1.07 -14.84 14.24
N GLY E 49 -2.22 -14.29 13.87
CA GLY E 49 -2.34 -13.52 12.64
C GLY E 49 -1.98 -14.36 11.41
N VAL E 50 -1.04 -13.84 10.60
CA VAL E 50 -0.63 -14.49 9.36
C VAL E 50 0.28 -15.69 9.66
N GLU E 51 0.73 -15.81 10.93
CA GLU E 51 1.60 -16.92 11.36
C GLU E 51 0.74 -18.13 11.79
N ALA E 52 -0.60 -17.97 11.84
CA ALA E 52 -1.49 -19.08 12.16
C ALA E 52 -1.29 -20.18 11.11
N LYS E 53 -1.33 -21.46 11.56
CA LYS E 53 -0.93 -22.57 10.71
C LYS E 53 -1.85 -22.72 9.49
N HIS E 54 -3.14 -22.35 9.63
CA HIS E 54 -4.10 -22.50 8.53
C HIS E 54 -4.35 -21.17 7.81
N PHE E 55 -3.55 -20.14 8.10
CA PHE E 55 -3.75 -18.84 7.46
C PHE E 55 -3.49 -18.97 5.95
N PRO E 56 -2.44 -19.73 5.50
CA PRO E 56 -2.17 -19.86 4.06
C PRO E 56 -3.35 -20.41 3.26
N THR E 57 -4.05 -21.40 3.84
CA THR E 57 -5.24 -22.00 3.22
C THR E 57 -6.32 -20.93 3.07
N ILE E 58 -6.53 -20.19 4.17
CA ILE E 58 -7.56 -19.17 4.24
C ILE E 58 -7.21 -17.99 3.32
N ALA E 59 -5.91 -17.72 3.16
CA ALA E 59 -5.42 -16.61 2.34
C ALA E 59 -5.66 -16.87 0.85
N GLU E 60 -5.96 -18.15 0.48
CA GLU E 60 -6.24 -18.50 -0.91
C GLU E 60 -7.52 -17.81 -1.40
N LEU E 61 -8.43 -17.45 -0.45
CA LEU E 61 -9.69 -16.81 -0.81
C LEU E 61 -9.69 -15.33 -0.40
N LEU E 62 -8.50 -14.79 -0.07
CA LEU E 62 -8.34 -13.36 0.18
C LEU E 62 -7.90 -12.70 -1.12
N PRO E 63 -8.50 -11.55 -1.51
CA PRO E 63 -8.10 -10.88 -2.74
C PRO E 63 -6.73 -10.21 -2.59
N THR E 64 -6.06 -9.98 -3.73
CA THR E 64 -4.82 -9.22 -3.75
C THR E 64 -5.17 -7.76 -3.52
N GLN E 65 -4.14 -6.96 -3.27
CA GLN E 65 -4.30 -5.53 -3.05
C GLN E 65 -4.84 -4.89 -4.33
N ALA E 66 -4.31 -5.33 -5.49
CA ALA E 66 -4.70 -4.81 -6.79
C ALA E 66 -6.16 -5.19 -7.09
N ALA E 67 -6.55 -6.43 -6.72
CA ALA E 67 -7.91 -6.90 -6.94
C ALA E 67 -8.90 -6.06 -6.15
N LEU E 68 -8.51 -5.70 -4.91
CA LEU E 68 -9.35 -4.87 -4.05
C LEU E 68 -9.53 -3.49 -4.69
N ALA E 69 -8.45 -2.95 -5.25
CA ALA E 69 -8.47 -1.62 -5.85
C ALA E 69 -9.37 -1.58 -7.08
N PHE E 70 -9.22 -2.57 -7.98
CA PHE E 70 -9.86 -2.55 -9.30
C PHE E 70 -11.17 -3.33 -9.33
N GLY E 71 -11.48 -4.08 -8.26
CA GLY E 71 -12.68 -4.91 -8.22
C GLY E 71 -13.72 -4.41 -7.20
N SER E 72 -13.42 -3.29 -6.52
CA SER E 72 -14.28 -2.78 -5.47
C SER E 72 -15.04 -1.54 -5.93
N GLU E 73 -16.17 -1.27 -5.26
CA GLU E 73 -16.82 0.01 -5.33
C GLU E 73 -16.27 0.84 -4.19
N ILE E 74 -15.51 1.88 -4.52
CA ILE E 74 -14.83 2.70 -3.52
C ILE E 74 -15.54 4.05 -3.42
N THR E 75 -15.94 4.40 -2.19
CA THR E 75 -16.59 5.68 -1.90
C THR E 75 -15.83 6.37 -0.77
N THR E 76 -15.89 7.71 -0.77
CA THR E 76 -15.20 8.51 0.25
C THR E 76 -16.14 9.58 0.78
N LYS E 77 -15.88 10.01 2.03
CA LYS E 77 -16.61 11.11 2.63
C LYS E 77 -15.75 11.73 3.72
N GLU E 78 -15.88 13.04 3.91
CA GLU E 78 -15.14 13.73 4.95
C GLU E 78 -15.73 13.38 6.32
N SER E 79 -14.84 13.16 7.29
CA SER E 79 -15.22 12.83 8.64
C SER E 79 -14.25 13.48 9.61
N GLY E 80 -14.58 14.70 10.05
CA GLY E 80 -13.71 15.47 10.92
C GLY E 80 -12.46 15.92 10.18
N GLU E 81 -11.28 15.52 10.71
CA GLU E 81 -10.01 15.84 10.09
C GLU E 81 -9.49 14.63 9.31
N PHE E 82 -10.42 13.77 8.84
CA PHE E 82 -10.07 12.58 8.10
C PHE E 82 -10.99 12.42 6.90
N VAL E 83 -10.51 11.68 5.89
CA VAL E 83 -11.33 11.26 4.78
C VAL E 83 -11.58 9.76 4.96
N GLU E 84 -12.86 9.40 5.14
CA GLU E 84 -13.24 8.01 5.33
C GLU E 84 -13.36 7.33 3.97
N VAL E 85 -12.58 6.26 3.77
CA VAL E 85 -12.59 5.51 2.52
C VAL E 85 -13.24 4.15 2.79
N THR E 86 -14.28 3.83 2.00
CA THR E 86 -15.00 2.57 2.13
C THR E 86 -14.76 1.71 0.89
N TYR E 87 -14.37 0.45 1.11
CA TYR E 87 -14.19 -0.52 0.05
C TYR E 87 -15.31 -1.55 0.13
N HIS E 88 -16.02 -1.75 -0.99
CA HIS E 88 -17.03 -2.78 -1.10
C HIS E 88 -16.61 -3.74 -2.19
N TYR E 89 -16.09 -4.92 -1.77
CA TYR E 89 -15.57 -5.90 -2.70
C TYR E 89 -16.38 -7.18 -2.60
N VAL E 90 -16.82 -7.70 -3.77
CA VAL E 90 -17.60 -8.92 -3.83
C VAL E 90 -16.90 -9.90 -4.78
N MET E 91 -16.69 -11.13 -4.30
CA MET E 91 -16.09 -12.20 -5.08
C MET E 91 -16.93 -13.46 -4.95
N LYS E 92 -17.01 -14.24 -6.03
CA LYS E 92 -17.78 -15.49 -6.03
C LYS E 92 -16.82 -16.67 -6.14
N VAL E 93 -16.85 -17.53 -5.10
CA VAL E 93 -15.99 -18.68 -5.00
C VAL E 93 -16.80 -19.93 -5.36
N PRO E 94 -16.30 -20.82 -6.26
CA PRO E 94 -17.01 -22.06 -6.56
C PRO E 94 -17.23 -22.87 -5.28
N LYS E 95 -18.41 -23.50 -5.18
CA LYS E 95 -18.77 -24.30 -4.00
C LYS E 95 -17.85 -25.53 -3.89
N THR E 96 -17.13 -25.85 -4.97
CA THR E 96 -16.24 -27.01 -5.01
C THR E 96 -14.86 -26.65 -4.44
N ASP E 97 -14.58 -25.34 -4.26
CA ASP E 97 -13.29 -24.88 -3.78
C ASP E 97 -12.99 -25.53 -2.41
N LYS E 98 -11.81 -26.16 -2.29
CA LYS E 98 -11.44 -26.92 -1.10
C LYS E 98 -10.96 -26.00 0.04
N ASN E 99 -10.73 -24.71 -0.26
CA ASN E 99 -10.30 -23.75 0.76
C ASN E 99 -11.53 -23.11 1.44
N LEU E 100 -12.72 -23.39 0.89
CA LEU E 100 -13.93 -22.69 1.29
C LEU E 100 -14.38 -23.13 2.70
N PRO E 101 -14.26 -24.43 3.10
CA PRO E 101 -14.63 -24.86 4.46
C PRO E 101 -13.91 -24.13 5.59
N ARG E 102 -12.56 -24.05 5.50
CA ARG E 102 -11.76 -23.40 6.54
C ARG E 102 -11.98 -21.90 6.54
N PHE E 103 -12.21 -21.31 5.35
CA PHE E 103 -12.43 -19.88 5.21
C PHE E 103 -13.75 -19.50 5.91
N LEU E 104 -14.83 -20.21 5.56
CA LEU E 104 -16.17 -19.90 6.06
C LEU E 104 -16.22 -19.99 7.58
N GLU E 105 -15.42 -20.91 8.15
CA GLU E 105 -15.43 -21.12 9.59
C GLU E 105 -14.87 -19.89 10.33
N GLN E 106 -14.03 -19.09 9.63
CA GLN E 106 -13.41 -17.91 10.23
C GLN E 106 -14.41 -16.74 10.33
N VAL E 107 -15.47 -16.78 9.50
CA VAL E 107 -16.44 -15.70 9.43
C VAL E 107 -17.29 -15.70 10.71
N SER E 108 -17.11 -14.65 11.54
CA SER E 108 -17.81 -14.51 12.82
C SER E 108 -17.51 -15.73 13.71
N ALA E 109 -16.24 -16.14 13.75
CA ALA E 109 -15.81 -17.30 14.52
C ALA E 109 -15.87 -16.99 16.04
N TYR E 110 -15.81 -15.70 16.38
CA TYR E 110 -15.79 -15.25 17.78
C TYR E 110 -17.17 -15.45 18.44
N SER E 111 -18.22 -15.59 17.62
CA SER E 111 -19.59 -15.60 18.12
C SER E 111 -20.01 -16.99 18.60
N LYS E 112 -21.08 -17.01 19.42
CA LYS E 112 -21.70 -18.24 19.89
C LYS E 112 -22.71 -18.72 18.84
N LYS F 10 -1.29 40.82 14.82
CA LYS F 10 -2.72 41.29 14.80
C LYS F 10 -3.59 40.32 13.98
N GLN F 11 -2.98 39.59 13.01
CA GLN F 11 -3.72 38.71 12.11
C GLN F 11 -4.62 37.75 12.90
N MET F 12 -4.07 37.17 13.98
CA MET F 12 -4.80 36.18 14.78
C MET F 12 -5.88 36.84 15.65
N ASP F 13 -5.93 38.19 15.67
CA ASP F 13 -6.98 38.91 16.37
C ASP F 13 -8.13 39.24 15.40
N LYS F 14 -7.92 38.94 14.10
CA LYS F 14 -8.94 39.16 13.08
C LYS F 14 -9.73 37.87 12.86
N PRO F 15 -10.97 37.94 12.29
CA PRO F 15 -11.68 36.73 11.88
C PRO F 15 -10.86 36.04 10.79
N GLU F 16 -10.95 34.71 10.74
CA GLU F 16 -10.10 33.88 9.87
C GLU F 16 -10.14 34.37 8.41
N TRP F 17 -11.32 34.81 7.94
CA TRP F 17 -11.50 35.19 6.54
C TRP F 17 -10.88 36.57 6.23
N LYS F 18 -10.43 37.30 7.27
CA LYS F 18 -9.81 38.61 7.07
C LYS F 18 -8.30 38.58 7.34
N ARG F 19 -7.73 37.37 7.44
CA ARG F 19 -6.32 37.21 7.76
C ARG F 19 -5.47 37.34 6.48
N VAL F 20 -4.31 38.00 6.62
CA VAL F 20 -3.36 38.19 5.55
C VAL F 20 -1.99 37.70 6.06
N PRO F 21 -1.67 36.38 5.89
CA PRO F 21 -0.45 35.81 6.46
C PRO F 21 0.85 36.49 6.04
N ASN F 22 1.83 36.48 6.94
CA ASN F 22 3.13 37.10 6.71
C ASN F 22 4.20 36.25 7.40
N SER F 23 5.44 36.76 7.43
CA SER F 23 6.57 36.05 8.04
C SER F 23 6.37 35.91 9.56
N GLU F 24 5.69 36.90 10.17
CA GLU F 24 5.45 36.89 11.62
C GLU F 24 4.35 35.87 11.93
N GLU F 25 3.19 36.03 11.27
CA GLU F 25 2.05 35.11 11.42
C GLU F 25 1.84 34.40 10.09
N ASP F 26 2.42 33.20 9.97
CA ASP F 26 2.47 32.46 8.71
C ASP F 26 1.11 31.79 8.44
N VAL F 27 1.04 31.10 7.28
CA VAL F 27 -0.19 30.44 6.82
C VAL F 27 -0.60 29.34 7.81
N ARG F 28 0.39 28.61 8.34
CA ARG F 28 0.14 27.52 9.30
C ARG F 28 -0.61 28.07 10.52
N LYS F 29 -0.18 29.23 11.02
CA LYS F 29 -0.76 29.83 12.21
C LYS F 29 -2.16 30.40 11.89
N CYS F 30 -2.32 30.99 10.68
CA CYS F 30 -3.55 31.67 10.31
C CYS F 30 -4.63 30.68 9.82
N PHE F 31 -4.24 29.66 9.04
CA PHE F 31 -5.23 28.77 8.40
C PHE F 31 -4.96 27.28 8.68
N GLY F 32 -3.99 26.98 9.55
CA GLY F 32 -3.69 25.59 9.89
C GLY F 32 -2.87 24.91 8.80
N PRO F 33 -2.51 23.60 8.97
CA PRO F 33 -1.67 22.89 8.01
C PRO F 33 -2.35 22.64 6.66
N ARG F 34 -1.52 22.45 5.63
CA ARG F 34 -2.01 22.16 4.29
C ARG F 34 -2.68 20.78 4.30
N SER F 35 -3.84 20.68 3.65
CA SER F 35 -4.62 19.44 3.62
C SER F 35 -5.45 19.40 2.33
N VAL F 36 -6.28 18.35 2.19
CA VAL F 36 -7.16 18.22 1.04
C VAL F 36 -8.19 19.37 1.04
N SER F 37 -8.54 19.86 2.24
CA SER F 37 -9.53 20.93 2.40
C SER F 37 -8.89 22.32 2.17
N ARG F 38 -7.60 22.45 2.54
CA ARG F 38 -6.84 23.68 2.35
C ARG F 38 -5.49 23.30 1.77
N ASN F 39 -5.42 23.25 0.42
CA ASN F 39 -4.34 22.55 -0.28
C ASN F 39 -3.38 23.50 -1.04
N PHE F 40 -3.57 24.81 -0.90
CA PHE F 40 -2.81 25.76 -1.71
C PHE F 40 -1.60 26.28 -0.92
N GLY F 41 -0.43 26.33 -1.59
CA GLY F 41 0.77 26.96 -1.05
C GLY F 41 1.91 25.98 -0.83
N ASP F 42 3.10 26.32 -1.37
CA ASP F 42 4.32 25.54 -1.16
C ASP F 42 4.92 25.98 0.18
N SER F 43 6.09 25.41 0.53
CA SER F 43 6.76 25.69 1.79
C SER F 43 7.04 27.20 1.94
N ASP F 44 7.46 27.84 0.83
CA ASP F 44 7.82 29.25 0.84
C ASP F 44 6.58 30.09 1.22
N LEU F 45 5.46 29.88 0.50
CA LEU F 45 4.22 30.62 0.75
C LEU F 45 3.69 30.33 2.15
N VAL F 46 3.80 29.06 2.60
CA VAL F 46 3.29 28.67 3.90
C VAL F 46 4.04 29.43 5.01
N GLN F 47 5.36 29.61 4.83
CA GLN F 47 6.21 30.18 5.87
C GLN F 47 6.16 31.73 5.85
N HIS F 48 5.97 32.34 4.66
CA HIS F 48 6.06 33.80 4.53
C HIS F 48 4.73 34.44 4.10
N GLY F 49 3.72 33.61 3.81
CA GLY F 49 2.41 34.13 3.41
C GLY F 49 2.50 35.02 2.17
N VAL F 50 2.01 36.26 2.30
CA VAL F 50 1.96 37.21 1.18
C VAL F 50 3.35 37.83 0.95
N GLU F 51 4.26 37.65 1.93
CA GLU F 51 5.61 38.19 1.84
C GLU F 51 6.54 37.24 1.08
N ALA F 52 6.03 36.05 0.70
CA ALA F 52 6.80 35.10 -0.10
C ALA F 52 7.23 35.77 -1.40
N LYS F 53 8.43 35.38 -1.89
CA LYS F 53 9.05 36.03 -3.04
C LYS F 53 8.12 36.03 -4.25
N HIS F 54 7.57 34.86 -4.58
CA HIS F 54 6.81 34.68 -5.82
C HIS F 54 5.30 34.86 -5.62
N PHE F 55 4.87 35.31 -4.42
CA PHE F 55 3.45 35.45 -4.13
C PHE F 55 2.81 36.46 -5.10
N PRO F 56 3.46 37.65 -5.37
CA PRO F 56 2.90 38.61 -6.33
C PRO F 56 2.55 38.00 -7.69
N THR F 57 3.41 37.10 -8.17
CA THR F 57 3.19 36.40 -9.45
C THR F 57 1.97 35.49 -9.32
N ILE F 58 1.87 34.79 -8.18
CA ILE F 58 0.77 33.84 -7.94
C ILE F 58 -0.55 34.61 -7.83
N ALA F 59 -0.50 35.79 -7.19
CA ALA F 59 -1.70 36.58 -6.88
C ALA F 59 -2.36 37.12 -8.16
N GLU F 60 -1.65 37.06 -9.30
CA GLU F 60 -2.19 37.51 -10.58
C GLU F 60 -3.37 36.62 -11.01
N LEU F 61 -3.42 35.38 -10.46
CA LEU F 61 -4.49 34.43 -10.82
C LEU F 61 -5.44 34.20 -9.63
N LEU F 62 -5.38 35.10 -8.63
CA LEU F 62 -6.32 35.07 -7.53
C LEU F 62 -7.41 36.11 -7.79
N PRO F 63 -8.71 35.76 -7.65
CA PRO F 63 -9.80 36.70 -7.92
C PRO F 63 -9.87 37.82 -6.87
N THR F 64 -10.41 38.97 -7.29
CA THR F 64 -10.62 40.08 -6.38
C THR F 64 -11.78 39.73 -5.45
N GLN F 65 -11.96 40.55 -4.41
CA GLN F 65 -12.99 40.33 -3.42
C GLN F 65 -14.37 40.46 -4.09
N ALA F 66 -14.49 41.45 -5.00
CA ALA F 66 -15.74 41.70 -5.71
C ALA F 66 -16.02 40.57 -6.71
N ALA F 67 -14.97 40.11 -7.41
CA ALA F 67 -15.11 39.04 -8.39
C ALA F 67 -15.61 37.77 -7.71
N LEU F 68 -15.10 37.51 -6.49
CA LEU F 68 -15.52 36.35 -5.72
C LEU F 68 -17.00 36.48 -5.38
N ALA F 69 -17.41 37.67 -4.94
CA ALA F 69 -18.77 37.91 -4.50
C ALA F 69 -19.77 37.76 -5.66
N PHE F 70 -19.43 38.36 -6.81
CA PHE F 70 -20.36 38.47 -7.93
C PHE F 70 -20.15 37.35 -8.97
N GLY F 71 -19.09 36.54 -8.80
CA GLY F 71 -18.77 35.49 -9.75
C GLY F 71 -18.93 34.08 -9.16
N SER F 72 -19.34 34.00 -7.88
CA SER F 72 -19.44 32.71 -7.18
C SER F 72 -20.89 32.29 -7.01
N GLU F 73 -21.09 30.98 -6.82
CA GLU F 73 -22.33 30.45 -6.32
C GLU F 73 -22.22 30.39 -4.80
N ILE F 74 -23.00 31.21 -4.10
CA ILE F 74 -22.89 31.32 -2.66
C ILE F 74 -24.11 30.67 -2.01
N THR F 75 -23.84 29.74 -1.07
CA THR F 75 -24.87 29.04 -0.33
C THR F 75 -24.57 29.17 1.16
N THR F 76 -25.63 29.13 1.98
CA THR F 76 -25.49 29.25 3.43
C THR F 76 -26.35 28.20 4.11
N LYS F 77 -25.95 27.82 5.33
CA LYS F 77 -26.70 26.90 6.15
C LYS F 77 -26.32 27.14 7.61
N GLU F 78 -27.30 27.00 8.51
CA GLU F 78 -27.05 27.20 9.93
C GLU F 78 -26.27 26.00 10.47
N SER F 79 -25.30 26.30 11.35
CA SER F 79 -24.45 25.29 11.95
C SER F 79 -24.09 25.71 13.38
N GLY F 80 -24.89 25.25 14.35
CA GLY F 80 -24.71 25.60 15.74
C GLY F 80 -25.03 27.08 15.97
N GLU F 81 -24.04 27.83 16.49
CA GLU F 81 -24.19 29.25 16.75
C GLU F 81 -23.56 30.06 15.60
N PHE F 82 -23.48 29.44 14.41
CA PHE F 82 -22.85 30.07 13.26
C PHE F 82 -23.71 29.87 12.01
N VAL F 83 -23.48 30.73 11.01
CA VAL F 83 -24.00 30.55 9.68
C VAL F 83 -22.81 30.23 8.78
N GLU F 84 -22.81 29.02 8.22
CA GLU F 84 -21.73 28.56 7.35
C GLU F 84 -21.97 29.08 5.93
N VAL F 85 -21.03 29.91 5.44
CA VAL F 85 -21.13 30.48 4.10
C VAL F 85 -20.12 29.77 3.20
N THR F 86 -20.62 29.22 2.07
CA THR F 86 -19.77 28.51 1.12
C THR F 86 -19.72 29.30 -0.20
N TYR F 87 -18.50 29.47 -0.72
CA TYR F 87 -18.27 30.12 -2.00
C TYR F 87 -17.78 29.08 -3.00
N HIS F 88 -18.41 29.04 -4.18
CA HIS F 88 -17.98 28.17 -5.26
C HIS F 88 -17.66 29.05 -6.47
N TYR F 89 -16.36 29.30 -6.69
CA TYR F 89 -15.91 30.21 -7.74
C TYR F 89 -15.10 29.43 -8.78
N VAL F 90 -15.36 29.74 -10.06
CA VAL F 90 -14.67 29.10 -11.18
C VAL F 90 -14.12 30.20 -12.10
N MET F 91 -12.87 30.03 -12.52
CA MET F 91 -12.22 30.95 -13.46
C MET F 91 -11.37 30.15 -14.45
N LYS F 92 -11.39 30.58 -15.73
CA LYS F 92 -10.61 29.94 -16.78
C LYS F 92 -9.39 30.79 -17.10
N VAL F 93 -8.19 30.20 -16.95
CA VAL F 93 -6.94 30.88 -17.22
C VAL F 93 -6.37 30.33 -18.53
N PRO F 94 -5.97 31.20 -19.50
CA PRO F 94 -5.34 30.73 -20.73
C PRO F 94 -4.05 29.96 -20.40
N LYS F 95 -3.83 28.85 -21.13
CA LYS F 95 -2.65 28.01 -20.91
C LYS F 95 -1.37 28.78 -21.25
N THR F 96 -1.51 29.87 -22.05
CA THR F 96 -0.36 30.69 -22.45
C THR F 96 0.06 31.64 -21.31
N ASP F 97 -0.81 31.80 -20.29
CA ASP F 97 -0.53 32.72 -19.18
C ASP F 97 0.81 32.34 -18.53
N LYS F 98 1.69 33.36 -18.39
CA LYS F 98 3.05 33.16 -17.88
C LYS F 98 3.05 32.92 -16.38
N ASN F 99 1.97 33.34 -15.68
CA ASN F 99 1.89 33.23 -14.23
C ASN F 99 1.26 31.87 -13.82
N LEU F 100 0.74 31.11 -14.82
CA LEU F 100 -0.01 29.90 -14.55
C LEU F 100 0.89 28.77 -13.99
N PRO F 101 2.08 28.49 -14.61
CA PRO F 101 2.93 27.40 -14.13
C PRO F 101 3.26 27.44 -12.64
N ARG F 102 3.64 28.63 -12.16
CA ARG F 102 4.07 28.81 -10.78
C ARG F 102 2.85 28.70 -9.84
N PHE F 103 1.66 29.13 -10.35
CA PHE F 103 0.41 29.03 -9.59
C PHE F 103 0.03 27.55 -9.40
N LEU F 104 0.11 26.77 -10.50
CA LEU F 104 -0.26 25.36 -10.49
C LEU F 104 0.67 24.56 -9.54
N GLU F 105 1.94 24.99 -9.45
CA GLU F 105 2.91 24.36 -8.56
C GLU F 105 2.46 24.48 -7.10
N GLN F 106 1.66 25.53 -6.79
CA GLN F 106 1.19 25.80 -5.44
C GLN F 106 0.02 24.87 -5.08
N VAL F 107 -0.74 24.43 -6.10
CA VAL F 107 -1.92 23.60 -5.89
C VAL F 107 -1.46 22.22 -5.39
N SER F 108 -1.86 21.89 -4.14
CA SER F 108 -1.50 20.62 -3.50
C SER F 108 0.02 20.44 -3.49
N ALA F 109 0.74 21.54 -3.20
CA ALA F 109 2.20 21.56 -3.18
C ALA F 109 2.73 20.70 -2.02
N TYR F 110 1.93 20.59 -0.95
CA TYR F 110 2.31 19.85 0.24
C TYR F 110 2.47 18.36 -0.10
N SER F 111 1.71 17.88 -1.12
CA SER F 111 1.71 16.47 -1.49
C SER F 111 2.71 16.18 -2.62
N LYS F 112 3.47 17.21 -3.04
CA LYS F 112 4.46 17.07 -4.10
C LYS F 112 5.86 17.16 -3.51
N ARG G 9 3.01 -17.27 -14.13
CA ARG G 9 1.55 -17.58 -14.27
C ARG G 9 0.81 -16.29 -14.68
N LYS G 10 0.07 -16.37 -15.79
CA LYS G 10 -0.68 -15.23 -16.32
C LYS G 10 -1.82 -14.87 -15.38
N GLN G 11 -2.21 -13.59 -15.39
CA GLN G 11 -3.28 -13.09 -14.52
C GLN G 11 -4.61 -13.76 -14.91
N MET G 12 -4.82 -13.96 -16.21
CA MET G 12 -6.07 -14.52 -16.70
C MET G 12 -6.08 -16.05 -16.54
N ASP G 13 -5.01 -16.61 -15.95
CA ASP G 13 -4.98 -18.03 -15.57
C ASP G 13 -5.27 -18.16 -14.08
N LYS G 14 -5.58 -17.02 -13.41
CA LYS G 14 -5.87 -17.00 -11.99
C LYS G 14 -7.34 -16.67 -11.76
N PRO G 15 -7.90 -16.97 -10.57
CA PRO G 15 -9.22 -16.47 -10.20
C PRO G 15 -9.12 -14.94 -10.11
N GLU G 16 -10.26 -14.27 -10.35
CA GLU G 16 -10.30 -12.81 -10.47
C GLU G 16 -9.65 -12.14 -9.24
N TRP G 17 -9.91 -12.68 -8.04
CA TRP G 17 -9.48 -12.04 -6.79
C TRP G 17 -7.96 -12.15 -6.57
N LYS G 18 -7.26 -12.93 -7.41
CA LYS G 18 -5.81 -13.08 -7.29
C LYS G 18 -5.08 -12.37 -8.44
N ARG G 19 -5.82 -11.63 -9.27
CA ARG G 19 -5.23 -10.97 -10.43
C ARG G 19 -4.51 -9.69 -10.00
N VAL G 20 -3.34 -9.48 -10.60
CA VAL G 20 -2.55 -8.28 -10.39
C VAL G 20 -2.30 -7.64 -11.76
N PRO G 21 -3.21 -6.74 -12.23
CA PRO G 21 -3.09 -6.17 -13.57
C PRO G 21 -1.77 -5.48 -13.84
N ASN G 22 -1.33 -5.54 -15.10
CA ASN G 22 -0.09 -4.91 -15.53
C ASN G 22 -0.29 -4.41 -16.97
N SER G 23 0.81 -3.97 -17.62
CA SER G 23 0.75 -3.44 -18.97
C SER G 23 0.34 -4.53 -19.98
N GLU G 24 0.70 -5.80 -19.68
CA GLU G 24 0.38 -6.92 -20.57
C GLU G 24 -1.09 -7.31 -20.40
N GLU G 25 -1.49 -7.56 -19.15
CA GLU G 25 -2.87 -7.90 -18.82
C GLU G 25 -3.44 -6.77 -17.95
N ASP G 26 -4.14 -5.82 -18.61
CA ASP G 26 -4.56 -4.57 -17.98
C ASP G 26 -5.82 -4.79 -17.13
N VAL G 27 -6.29 -3.68 -16.51
CA VAL G 27 -7.42 -3.70 -15.59
C VAL G 27 -8.70 -4.13 -16.32
N ARG G 28 -8.88 -3.62 -17.55
CA ARG G 28 -10.08 -3.91 -18.32
C ARG G 28 -10.17 -5.42 -18.60
N LYS G 29 -9.01 -6.04 -18.90
CA LYS G 29 -8.96 -7.46 -19.21
C LYS G 29 -9.21 -8.28 -17.94
N CYS G 30 -8.63 -7.83 -16.82
CA CYS G 30 -8.69 -8.57 -15.55
C CYS G 30 -10.02 -8.36 -14.82
N PHE G 31 -10.53 -7.10 -14.82
CA PHE G 31 -11.69 -6.76 -13.98
C PHE G 31 -12.81 -6.07 -14.78
N GLY G 32 -12.69 -6.04 -16.11
CA GLY G 32 -13.72 -5.41 -16.95
C GLY G 32 -13.61 -3.89 -16.91
N PRO G 33 -14.47 -3.17 -17.69
CA PRO G 33 -14.41 -1.71 -17.76
C PRO G 33 -14.84 -1.04 -16.45
N ARG G 34 -14.35 0.20 -16.24
CA ARG G 34 -14.70 0.98 -15.07
C ARG G 34 -16.21 1.24 -15.07
N SER G 35 -16.83 1.13 -13.89
CA SER G 35 -18.26 1.29 -13.73
C SER G 35 -18.56 1.80 -12.32
N VAL G 36 -19.86 1.97 -12.02
CA VAL G 36 -20.29 2.43 -10.69
C VAL G 36 -19.88 1.39 -9.63
N SER G 37 -19.88 0.09 -10.01
CA SER G 37 -19.57 -0.99 -9.07
C SER G 37 -18.04 -1.23 -8.98
N ARG G 38 -17.32 -0.88 -10.06
CA ARG G 38 -15.86 -0.97 -10.10
C ARG G 38 -15.32 0.35 -10.65
N ASN G 39 -15.15 1.34 -9.74
CA ASN G 39 -15.04 2.74 -10.14
C ASN G 39 -13.63 3.32 -9.90
N PHE G 40 -12.66 2.48 -9.53
CA PHE G 40 -11.34 3.00 -9.16
C PHE G 40 -10.36 2.85 -10.32
N GLY G 41 -9.61 3.95 -10.61
CA GLY G 41 -8.51 3.92 -11.57
C GLY G 41 -8.74 4.87 -12.75
N ASP G 42 -7.77 5.79 -12.96
CA ASP G 42 -7.77 6.68 -14.11
C ASP G 42 -7.31 5.87 -15.32
N SER G 43 -7.26 6.51 -16.50
CA SER G 43 -6.90 5.84 -17.74
C SER G 43 -5.51 5.21 -17.64
N ASP G 44 -4.60 5.84 -16.87
CA ASP G 44 -3.22 5.36 -16.73
C ASP G 44 -3.21 4.04 -15.94
N LEU G 45 -3.90 4.01 -14.78
CA LEU G 45 -3.98 2.81 -13.94
C LEU G 45 -4.72 1.70 -14.69
N VAL G 46 -5.74 2.07 -15.48
CA VAL G 46 -6.54 1.10 -16.22
C VAL G 46 -5.66 0.41 -17.27
N GLN G 47 -4.78 1.18 -17.93
CA GLN G 47 -3.96 0.66 -19.02
C GLN G 47 -2.72 -0.08 -18.53
N HIS G 48 -2.20 0.29 -17.34
CA HIS G 48 -0.90 -0.23 -16.88
C HIS G 48 -1.01 -0.97 -15.53
N GLY G 49 -2.19 -0.93 -14.90
CA GLY G 49 -2.39 -1.63 -13.62
C GLY G 49 -1.38 -1.15 -12.56
N VAL G 50 -0.68 -2.13 -11.93
CA VAL G 50 0.26 -1.83 -10.85
C VAL G 50 1.56 -1.22 -11.42
N GLU G 51 1.73 -1.29 -12.76
CA GLU G 51 2.91 -0.73 -13.40
C GLU G 51 2.71 0.76 -13.73
N ALA G 52 1.49 1.28 -13.50
CA ALA G 52 1.22 2.71 -13.68
C ALA G 52 2.20 3.52 -12.84
N LYS G 53 2.65 4.65 -13.39
CA LYS G 53 3.75 5.43 -12.80
C LYS G 53 3.42 5.89 -11.37
N HIS G 54 2.14 6.24 -11.10
CA HIS G 54 1.75 6.78 -9.79
C HIS G 54 1.07 5.72 -8.91
N PHE G 55 1.13 4.44 -9.32
CA PHE G 55 0.45 3.38 -8.56
C PHE G 55 1.09 3.23 -7.16
N PRO G 56 2.44 3.32 -7.02
CA PRO G 56 3.09 3.19 -5.70
C PRO G 56 2.56 4.17 -4.65
N THR G 57 2.35 5.43 -5.07
CA THR G 57 1.79 6.47 -4.20
C THR G 57 0.38 6.08 -3.77
N ILE G 58 -0.45 5.73 -4.75
CA ILE G 58 -1.84 5.39 -4.54
C ILE G 58 -1.95 4.12 -3.66
N ALA G 59 -0.99 3.19 -3.82
CA ALA G 59 -0.99 1.93 -3.09
C ALA G 59 -0.72 2.15 -1.59
N GLU G 60 -0.19 3.34 -1.22
CA GLU G 60 0.08 3.67 0.18
C GLU G 60 -1.23 3.73 0.98
N LEU G 61 -2.37 3.94 0.27
CA LEU G 61 -3.67 4.02 0.94
C LEU G 61 -4.53 2.79 0.63
N LEU G 62 -3.91 1.75 0.05
CA LEU G 62 -4.56 0.46 -0.12
C LEU G 62 -4.21 -0.42 1.07
N PRO G 63 -5.18 -1.16 1.64
CA PRO G 63 -4.89 -2.03 2.78
C PRO G 63 -4.13 -3.28 2.35
N THR G 64 -3.39 -3.88 3.31
CA THR G 64 -2.74 -5.15 3.08
C THR G 64 -3.82 -6.22 3.02
N GLN G 65 -3.43 -7.41 2.58
CA GLN G 65 -4.34 -8.54 2.50
C GLN G 65 -4.81 -8.90 3.92
N ALA G 66 -3.90 -8.79 4.90
CA ALA G 66 -4.19 -9.12 6.29
C ALA G 66 -5.13 -8.07 6.90
N ALA G 67 -4.89 -6.79 6.58
CA ALA G 67 -5.71 -5.71 7.10
C ALA G 67 -7.15 -5.85 6.59
N LEU G 68 -7.29 -6.23 5.31
CA LEU G 68 -8.60 -6.46 4.73
C LEU G 68 -9.28 -7.62 5.46
N ALA G 69 -8.50 -8.67 5.76
CA ALA G 69 -9.02 -9.85 6.41
C ALA G 69 -9.55 -9.54 7.81
N PHE G 70 -8.74 -8.81 8.61
CA PHE G 70 -9.03 -8.64 10.03
C PHE G 70 -9.66 -7.27 10.33
N GLY G 71 -9.79 -6.41 9.30
CA GLY G 71 -10.36 -5.07 9.50
C GLY G 71 -11.69 -4.88 8.76
N SER G 72 -12.19 -5.96 8.13
CA SER G 72 -13.40 -5.88 7.32
C SER G 72 -14.57 -6.58 7.98
N GLU G 73 -15.78 -6.15 7.62
CA GLU G 73 -17.00 -6.88 7.91
C GLU G 73 -17.23 -7.81 6.73
N ILE G 74 -17.07 -9.12 6.97
CA ILE G 74 -17.16 -10.11 5.92
C ILE G 74 -18.47 -10.88 6.07
N THR G 75 -19.25 -10.93 4.98
CA THR G 75 -20.52 -11.65 4.93
C THR G 75 -20.51 -12.54 3.70
N THR G 76 -21.25 -13.65 3.78
CA THR G 76 -21.33 -14.62 2.70
C THR G 76 -22.78 -15.01 2.47
N LYS G 77 -23.07 -15.47 1.24
CA LYS G 77 -24.38 -15.99 0.89
C LYS G 77 -24.22 -16.92 -0.31
N GLU G 78 -25.10 -17.93 -0.39
CA GLU G 78 -25.07 -18.88 -1.50
C GLU G 78 -25.68 -18.21 -2.72
N SER G 79 -25.03 -18.41 -3.88
CA SER G 79 -25.49 -17.79 -5.13
C SER G 79 -25.19 -18.73 -6.30
N GLY G 80 -26.19 -19.54 -6.66
CA GLY G 80 -26.06 -20.49 -7.75
C GLY G 80 -25.07 -21.60 -7.39
N GLU G 81 -23.98 -21.70 -8.16
CA GLU G 81 -22.94 -22.70 -7.95
C GLU G 81 -21.72 -22.06 -7.27
N PHE G 82 -21.94 -20.92 -6.59
CA PHE G 82 -20.85 -20.18 -5.97
C PHE G 82 -21.26 -19.69 -4.58
N VAL G 83 -20.25 -19.33 -3.77
CA VAL G 83 -20.45 -18.67 -2.49
C VAL G 83 -19.98 -17.23 -2.67
N GLU G 84 -20.92 -16.27 -2.53
CA GLU G 84 -20.63 -14.86 -2.70
C GLU G 84 -20.05 -14.31 -1.40
N VAL G 85 -18.79 -13.86 -1.46
CA VAL G 85 -18.10 -13.30 -0.30
C VAL G 85 -17.99 -11.78 -0.48
N THR G 86 -18.52 -11.02 0.49
CA THR G 86 -18.51 -9.57 0.43
C THR G 86 -17.57 -9.04 1.53
N TYR G 87 -16.67 -8.11 1.13
CA TYR G 87 -15.77 -7.44 2.06
C TYR G 87 -16.18 -5.98 2.16
N HIS G 88 -16.46 -5.54 3.39
CA HIS G 88 -16.77 -4.14 3.66
C HIS G 88 -15.67 -3.59 4.56
N TYR G 89 -14.73 -2.82 3.97
CA TYR G 89 -13.59 -2.30 4.68
C TYR G 89 -13.66 -0.77 4.73
N VAL G 90 -13.49 -0.21 5.95
CA VAL G 90 -13.50 1.23 6.16
C VAL G 90 -12.16 1.63 6.80
N MET G 91 -11.56 2.71 6.28
CA MET G 91 -10.32 3.27 6.82
C MET G 91 -10.40 4.79 6.77
N LYS G 92 -9.85 5.44 7.81
CA LYS G 92 -9.83 6.89 7.91
C LYS G 92 -8.42 7.39 7.65
N VAL G 93 -8.28 8.23 6.61
CA VAL G 93 -7.00 8.78 6.21
C VAL G 93 -6.94 10.24 6.65
N PRO G 94 -5.85 10.67 7.35
CA PRO G 94 -5.70 12.08 7.71
C PRO G 94 -5.80 12.97 6.46
N LYS G 95 -6.47 14.12 6.59
CA LYS G 95 -6.65 15.04 5.47
C LYS G 95 -5.29 15.59 5.01
N THR G 96 -4.26 15.50 5.87
CA THR G 96 -2.93 16.02 5.57
C THR G 96 -2.07 14.97 4.85
N ASP G 97 -2.61 13.74 4.66
CA ASP G 97 -1.84 12.65 4.06
C ASP G 97 -1.43 13.06 2.63
N LYS G 98 -0.14 12.87 2.32
CA LYS G 98 0.45 13.31 1.06
C LYS G 98 0.05 12.40 -0.11
N ASN G 99 -0.48 11.20 0.19
CA ASN G 99 -0.86 10.24 -0.86
C ASN G 99 -2.36 10.35 -1.19
N LEU G 100 -3.10 11.13 -0.37
CA LEU G 100 -4.56 11.19 -0.47
C LEU G 100 -5.00 11.89 -1.76
N PRO G 101 -4.38 13.03 -2.19
CA PRO G 101 -4.82 13.73 -3.41
C PRO G 101 -4.89 12.84 -4.66
N ARG G 102 -3.79 12.13 -4.95
CA ARG G 102 -3.73 11.26 -6.12
C ARG G 102 -4.70 10.09 -5.97
N PHE G 103 -4.89 9.60 -4.73
CA PHE G 103 -5.79 8.50 -4.47
C PHE G 103 -7.23 8.90 -4.82
N LEU G 104 -7.65 10.08 -4.34
CA LEU G 104 -9.02 10.56 -4.55
C LEU G 104 -9.30 10.78 -6.03
N GLU G 105 -8.26 11.15 -6.80
CA GLU G 105 -8.40 11.39 -8.23
C GLU G 105 -8.75 10.09 -8.97
N GLN G 106 -8.42 8.93 -8.36
CA GLN G 106 -8.68 7.62 -8.98
C GLN G 106 -10.15 7.21 -8.77
N VAL G 107 -10.76 7.70 -7.67
CA VAL G 107 -12.12 7.30 -7.33
C VAL G 107 -13.09 7.89 -8.36
N SER G 108 -13.75 6.99 -9.12
CA SER G 108 -14.70 7.38 -10.17
C SER G 108 -14.03 8.30 -11.19
N ALA G 109 -12.77 8.00 -11.53
CA ALA G 109 -11.99 8.79 -12.48
C ALA G 109 -12.59 8.67 -13.88
N TYR G 110 -13.16 7.50 -14.18
CA TYR G 110 -13.71 7.22 -15.51
C TYR G 110 -14.83 8.22 -15.84
N SER G 111 -15.59 8.63 -14.80
CA SER G 111 -16.68 9.58 -14.96
C SER G 111 -16.24 10.96 -14.45
N LYS H 10 16.92 -16.24 5.75
CA LYS H 10 16.13 -15.91 6.97
C LYS H 10 16.84 -16.44 8.21
N GLN H 11 16.72 -15.70 9.32
CA GLN H 11 17.35 -16.06 10.58
C GLN H 11 16.78 -17.39 11.10
N MET H 12 15.47 -17.59 10.90
CA MET H 12 14.79 -18.78 11.41
C MET H 12 15.15 -20.03 10.59
N ASP H 13 15.85 -19.84 9.45
CA ASP H 13 16.32 -20.95 8.64
C ASP H 13 17.68 -21.44 9.17
N LYS H 14 18.30 -20.64 10.06
CA LYS H 14 19.59 -20.98 10.66
C LYS H 14 19.36 -21.70 11.99
N PRO H 15 20.38 -22.43 12.52
CA PRO H 15 20.29 -22.96 13.88
C PRO H 15 20.24 -21.78 14.85
N GLU H 16 19.60 -21.98 15.99
CA GLU H 16 19.31 -20.90 16.94
C GLU H 16 20.60 -20.11 17.28
N TRP H 17 21.71 -20.82 17.50
CA TRP H 17 22.94 -20.19 17.98
C TRP H 17 23.61 -19.33 16.88
N LYS H 18 23.11 -19.40 15.63
CA LYS H 18 23.68 -18.60 14.54
C LYS H 18 22.73 -17.46 14.13
N ARG H 19 21.65 -17.27 14.90
CA ARG H 19 20.66 -16.24 14.57
C ARG H 19 21.15 -14.87 15.04
N VAL H 20 20.87 -13.86 14.21
CA VAL H 20 21.17 -12.48 14.51
C VAL H 20 19.86 -11.70 14.37
N PRO H 21 19.12 -11.44 15.49
CA PRO H 21 17.79 -10.85 15.41
C PRO H 21 17.79 -9.41 14.90
N ASN H 22 16.69 -9.06 14.21
CA ASN H 22 16.50 -7.73 13.65
C ASN H 22 15.03 -7.32 13.85
N SER H 23 14.58 -6.27 13.15
CA SER H 23 13.23 -5.76 13.29
C SER H 23 12.21 -6.71 12.64
N GLU H 24 12.67 -7.47 11.62
CA GLU H 24 11.81 -8.42 10.91
C GLU H 24 11.67 -9.71 11.73
N GLU H 25 12.83 -10.34 12.03
CA GLU H 25 12.88 -11.53 12.87
C GLU H 25 13.58 -11.14 14.17
N ASP H 26 12.79 -10.77 15.18
CA ASP H 26 13.31 -10.16 16.39
C ASP H 26 13.70 -11.26 17.39
N VAL H 27 14.08 -10.81 18.60
CA VAL H 27 14.59 -11.68 19.66
C VAL H 27 13.52 -12.70 20.07
N ARG H 28 12.26 -12.24 20.19
CA ARG H 28 11.17 -13.10 20.60
C ARG H 28 11.03 -14.27 19.62
N LYS H 29 11.12 -13.96 18.32
CA LYS H 29 10.95 -14.97 17.29
C LYS H 29 12.17 -15.90 17.24
N CYS H 30 13.37 -15.31 17.38
CA CYS H 30 14.61 -16.05 17.25
C CYS H 30 14.94 -16.88 18.50
N PHE H 31 14.69 -16.31 19.70
CA PHE H 31 15.14 -16.95 20.95
C PHE H 31 13.99 -17.14 21.96
N GLY H 32 12.76 -16.79 21.56
CA GLY H 32 11.61 -16.95 22.44
C GLY H 32 11.49 -15.80 23.44
N PRO H 33 10.43 -15.81 24.30
CA PRO H 33 10.20 -14.72 25.26
C PRO H 33 11.26 -14.63 26.35
N ARG H 34 11.40 -13.43 26.93
CA ARG H 34 12.34 -13.21 28.02
C ARG H 34 11.89 -14.02 29.23
N SER H 35 12.87 -14.56 29.97
CA SER H 35 12.61 -15.41 31.13
C SER H 35 13.84 -15.42 32.03
N VAL H 36 13.76 -16.20 33.13
CA VAL H 36 14.88 -16.34 34.06
C VAL H 36 16.06 -17.04 33.37
N SER H 37 15.76 -17.86 32.33
CA SER H 37 16.78 -18.60 31.59
C SER H 37 17.39 -17.74 30.47
N ARG H 38 16.57 -16.86 29.89
CA ARG H 38 17.00 -15.92 28.85
C ARG H 38 16.46 -14.53 29.20
N ASN H 39 17.26 -13.77 29.98
CA ASN H 39 16.74 -12.61 30.71
C ASN H 39 17.30 -11.28 30.18
N PHE H 40 18.05 -11.30 29.07
CA PHE H 40 18.73 -10.09 28.61
C PHE H 40 17.91 -9.39 27.51
N GLY H 41 17.76 -8.06 27.66
CA GLY H 41 17.18 -7.21 26.62
C GLY H 41 15.89 -6.52 27.08
N ASP H 42 15.85 -5.18 26.89
CA ASP H 42 14.65 -4.40 27.15
C ASP H 42 13.71 -4.55 25.96
N SER H 43 12.54 -3.89 26.03
CA SER H 43 11.52 -4.03 25.00
C SER H 43 12.06 -3.60 23.62
N ASP H 44 13.00 -2.63 23.60
CA ASP H 44 13.53 -2.11 22.34
C ASP H 44 14.44 -3.17 21.69
N LEU H 45 15.34 -3.77 22.49
CA LEU H 45 16.24 -4.83 21.99
C LEU H 45 15.43 -6.05 21.54
N VAL H 46 14.41 -6.42 22.32
CA VAL H 46 13.59 -7.57 22.01
C VAL H 46 12.91 -7.38 20.65
N GLN H 47 12.40 -6.16 20.40
CA GLN H 47 11.58 -5.88 19.23
C GLN H 47 12.43 -5.55 17.99
N HIS H 48 13.70 -5.12 18.19
CA HIS H 48 14.53 -4.68 17.06
C HIS H 48 15.84 -5.48 16.96
N GLY H 49 16.20 -6.24 18.00
CA GLY H 49 17.42 -7.03 17.99
C GLY H 49 18.66 -6.14 17.92
N VAL H 50 19.54 -6.44 16.94
CA VAL H 50 20.80 -5.70 16.77
C VAL H 50 20.54 -4.34 16.10
N GLU H 51 19.31 -4.15 15.59
CA GLU H 51 18.92 -2.89 14.96
C GLU H 51 18.39 -1.90 16.01
N ALA H 52 18.34 -2.33 17.29
CA ALA H 52 17.93 -1.46 18.36
C ALA H 52 18.88 -0.25 18.44
N LYS H 53 18.31 0.92 18.74
CA LYS H 53 19.04 2.19 18.73
C LYS H 53 20.33 2.10 19.54
N HIS H 54 20.25 1.53 20.76
CA HIS H 54 21.37 1.54 21.69
C HIS H 54 22.13 0.19 21.69
N PHE H 55 21.91 -0.65 20.68
CA PHE H 55 22.56 -1.95 20.65
C PHE H 55 24.09 -1.77 20.50
N PRO H 56 24.58 -0.82 19.65
CA PRO H 56 26.04 -0.62 19.50
C PRO H 56 26.82 -0.38 20.80
N THR H 57 26.22 0.38 21.73
CA THR H 57 26.87 0.68 23.01
C THR H 57 26.75 -0.53 23.94
N ILE H 58 25.57 -1.14 23.98
CA ILE H 58 25.32 -2.32 24.81
C ILE H 58 26.27 -3.45 24.38
N ALA H 59 26.54 -3.54 23.07
CA ALA H 59 27.39 -4.60 22.50
C ALA H 59 28.86 -4.42 22.89
N GLU H 60 29.21 -3.23 23.45
CA GLU H 60 30.58 -2.97 23.89
C GLU H 60 30.97 -3.94 25.02
N LEU H 61 29.97 -4.42 25.79
CA LEU H 61 30.22 -5.31 26.91
C LEU H 61 29.76 -6.74 26.58
N LEU H 62 29.61 -7.04 25.28
CA LEU H 62 29.37 -8.40 24.82
C LEU H 62 30.70 -8.97 24.32
N PRO H 63 31.04 -10.24 24.64
CA PRO H 63 32.30 -10.81 24.18
C PRO H 63 32.27 -11.19 22.71
N THR H 64 33.45 -11.26 22.11
CA THR H 64 33.57 -11.75 20.74
C THR H 64 33.35 -13.26 20.77
N GLN H 65 33.10 -13.83 19.59
CA GLN H 65 32.90 -15.26 19.45
C GLN H 65 34.15 -16.00 19.93
N ALA H 66 35.32 -15.42 19.63
CA ALA H 66 36.60 -16.01 20.00
C ALA H 66 36.79 -15.96 21.52
N ALA H 67 36.42 -14.82 22.13
CA ALA H 67 36.55 -14.64 23.57
C ALA H 67 35.69 -15.65 24.31
N LEU H 68 34.49 -15.92 23.77
CA LEU H 68 33.59 -16.90 24.35
C LEU H 68 34.24 -18.28 24.34
N ALA H 69 34.85 -18.63 23.20
CA ALA H 69 35.44 -19.95 23.01
C ALA H 69 36.62 -20.17 23.96
N PHE H 70 37.51 -19.17 24.05
CA PHE H 70 38.79 -19.33 24.75
C PHE H 70 38.75 -18.79 26.18
N GLY H 71 37.61 -18.20 26.59
CA GLY H 71 37.48 -17.62 27.92
C GLY H 71 36.39 -18.30 28.76
N SER H 72 35.80 -19.38 28.22
CA SER H 72 34.68 -20.06 28.87
C SER H 72 35.10 -21.43 29.39
N GLU H 73 34.36 -21.91 30.40
CA GLU H 73 34.40 -23.30 30.80
C GLU H 73 33.28 -23.99 30.04
N ILE H 74 33.64 -24.83 29.08
CA ILE H 74 32.67 -25.50 28.23
C ILE H 74 32.53 -26.95 28.67
N THR H 75 31.27 -27.37 28.89
CA THR H 75 30.94 -28.73 29.29
C THR H 75 29.88 -29.27 28.34
N THR H 76 29.87 -30.60 28.13
CA THR H 76 28.92 -31.23 27.24
C THR H 76 28.36 -32.49 27.89
N LYS H 77 27.15 -32.87 27.47
CA LYS H 77 26.54 -34.13 27.87
C LYS H 77 25.52 -34.53 26.82
N GLU H 78 25.33 -35.84 26.66
CA GLU H 78 24.37 -36.37 25.71
C GLU H 78 22.96 -36.15 26.26
N SER H 79 22.06 -35.67 25.39
CA SER H 79 20.68 -35.40 25.77
C SER H 79 19.76 -35.81 24.63
N GLY H 80 19.24 -37.04 24.69
CA GLY H 80 18.39 -37.59 23.65
C GLY H 80 19.19 -37.82 22.37
N GLU H 81 18.78 -37.14 21.28
CA GLU H 81 19.47 -37.23 20.00
C GLU H 81 20.33 -35.98 19.80
N PHE H 82 20.80 -35.38 20.91
CA PHE H 82 21.58 -34.15 20.87
C PHE H 82 22.74 -34.23 21.85
N VAL H 83 23.74 -33.38 21.61
CA VAL H 83 24.80 -33.13 22.57
C VAL H 83 24.60 -31.72 23.10
N GLU H 84 24.22 -31.62 24.37
CA GLU H 84 23.99 -30.34 25.02
C GLU H 84 25.34 -29.73 25.38
N VAL H 85 25.60 -28.53 24.82
CA VAL H 85 26.85 -27.82 25.07
C VAL H 85 26.55 -26.62 25.95
N THR H 86 27.23 -26.55 27.11
CA THR H 86 27.05 -25.45 28.06
C THR H 86 28.31 -24.60 28.09
N TYR H 87 28.12 -23.27 27.94
CA TYR H 87 29.20 -22.29 28.06
C TYR H 87 29.03 -21.53 29.36
N HIS H 88 30.08 -21.51 30.19
CA HIS H 88 30.12 -20.69 31.39
C HIS H 88 31.21 -19.64 31.20
N TYR H 89 30.79 -18.41 30.87
CA TYR H 89 31.72 -17.33 30.55
C TYR H 89 31.59 -16.21 31.57
N VAL H 90 32.74 -15.80 32.14
CA VAL H 90 32.77 -14.72 33.11
C VAL H 90 33.73 -13.64 32.59
N MET H 91 33.24 -12.39 32.53
CA MET H 91 34.06 -11.24 32.14
C MET H 91 33.99 -10.18 33.23
N LYS H 92 35.16 -9.62 33.57
CA LYS H 92 35.28 -8.62 34.62
C LYS H 92 35.37 -7.24 33.99
N VAL H 93 34.30 -6.44 34.19
CA VAL H 93 34.21 -5.10 33.62
C VAL H 93 34.54 -4.08 34.70
N PRO H 94 35.53 -3.17 34.48
CA PRO H 94 35.83 -2.12 35.45
C PRO H 94 34.58 -1.29 35.76
N LYS H 95 34.37 -0.99 37.06
CA LYS H 95 33.20 -0.23 37.52
C LYS H 95 33.15 1.16 36.85
N THR H 96 34.30 1.63 36.35
CA THR H 96 34.39 2.96 35.74
C THR H 96 33.95 2.92 34.26
N ASP H 97 33.66 1.71 33.73
CA ASP H 97 33.21 1.57 32.35
C ASP H 97 31.88 2.31 32.20
N LYS H 98 31.83 3.22 31.21
CA LYS H 98 30.68 4.09 31.01
C LYS H 98 29.52 3.34 30.32
N ASN H 99 29.79 2.12 29.82
CA ASN H 99 28.76 1.33 29.14
C ASN H 99 27.98 0.46 30.14
N LEU H 100 28.54 0.28 31.36
CA LEU H 100 27.93 -0.60 32.38
C LEU H 100 26.48 -0.21 32.66
N PRO H 101 26.18 1.07 33.03
CA PRO H 101 24.82 1.45 33.40
C PRO H 101 23.75 0.98 32.41
N ARG H 102 24.00 1.25 31.12
CA ARG H 102 23.04 0.91 30.07
C ARG H 102 22.97 -0.62 29.90
N PHE H 103 24.12 -1.30 30.02
CA PHE H 103 24.18 -2.75 29.88
C PHE H 103 23.41 -3.43 31.02
N LEU H 104 23.66 -2.97 32.26
CA LEU H 104 23.03 -3.55 33.45
C LEU H 104 21.50 -3.39 33.38
N GLU H 105 21.03 -2.27 32.77
CA GLU H 105 19.60 -2.02 32.64
C GLU H 105 18.94 -3.11 31.77
N GLN H 106 19.72 -3.75 30.86
CA GLN H 106 19.20 -4.78 29.96
C GLN H 106 19.00 -6.10 30.71
N VAL H 107 19.79 -6.31 31.79
CA VAL H 107 19.76 -7.56 32.55
C VAL H 107 18.42 -7.67 33.30
N SER H 108 17.59 -8.66 32.88
CA SER H 108 16.26 -8.88 33.46
C SER H 108 15.41 -7.61 33.33
N ALA H 109 15.50 -6.96 32.17
CA ALA H 109 14.78 -5.72 31.90
C ALA H 109 13.27 -5.98 31.78
N TYR H 110 12.91 -7.21 31.40
CA TYR H 110 11.51 -7.59 31.18
C TYR H 110 10.72 -7.54 32.51
N SER H 111 11.44 -7.72 33.64
CA SER H 111 10.80 -7.79 34.95
C SER H 111 10.68 -6.40 35.57
N LYS H 112 11.41 -5.42 35.02
CA LYS H 112 11.43 -4.06 35.56
C LYS H 112 10.43 -3.17 34.81
#